data_3MYO
#
_entry.id   3MYO
#
_cell.length_a   126.149
_cell.length_b   126.149
_cell.length_c   148.701
_cell.angle_alpha   90.00
_cell.angle_beta   90.00
_cell.angle_gamma   90.00
#
_symmetry.space_group_name_H-M   'P 43 21 2'
#
loop_
_entity.id
_entity.type
_entity.pdbx_description
1 polymer 'Tagatose 1,6-diphosphate aldolase 1'
2 water water
#
_entity_poly.entity_id   1
_entity_poly.type   'polypeptide(L)'
_entity_poly.pdbx_seq_one_letter_code
;MTITANKRHYLEKVSHQGIISALAFDQRGALKQMMAAHQEGEATVTQIETLKVLVSEELTPYASSILLDPEYGLLATKVR
ANQTGLLLAYEKTGYDATTTSRLPDCLVEWSVKRLKAAGADAIKFLLYYDVDGDEQINLQKQAYIERIGSECTAEDIPFF
LELLSYDERISDNNSAAYAKLKPHKVNGAMSVFSDKRFGVDVLKVEVPVNMAYVEGFTEGEVHYSQAEAIKAFQDQEAAS
HLPYIYLSAGVSAKLFQETLYFAAAAGAQFSGVLCGRATWAGSVPVYITKGEDEARKWLCTEGFQNIDELNRVLEETASP
WTEKILEHHHHHH
;
_entity_poly.pdbx_strand_id   A,B
#
# COMPACT_ATOMS: atom_id res chain seq x y z
N THR A 2 20.97 0.50 -6.35
CA THR A 2 20.84 0.98 -7.75
C THR A 2 19.88 2.16 -7.82
N ILE A 3 20.30 3.20 -8.54
CA ILE A 3 19.47 4.37 -8.75
C ILE A 3 19.17 4.49 -10.24
N THR A 4 17.91 4.77 -10.52
CA THR A 4 17.41 4.91 -11.87
C THR A 4 17.65 6.35 -12.37
N ALA A 5 17.72 6.54 -13.69
CA ALA A 5 17.91 7.86 -14.28
C ALA A 5 16.81 8.88 -13.91
N ASN A 6 15.55 8.45 -13.92
CA ASN A 6 14.44 9.31 -13.46
C ASN A 6 14.55 9.64 -11.95
N LYS A 7 14.84 8.63 -11.13
CA LYS A 7 14.99 8.83 -9.69
C LYS A 7 16.15 9.78 -9.39
N ARG A 8 17.26 9.64 -10.12
CA ARG A 8 18.40 10.53 -9.95
C ARG A 8 18.09 11.97 -10.35
N HIS A 9 17.37 12.14 -11.46
CA HIS A 9 16.97 13.46 -11.91
C HIS A 9 16.10 14.18 -10.87
N TYR A 10 15.15 13.46 -10.29
CA TYR A 10 14.31 13.94 -9.20
C TYR A 10 15.15 14.25 -7.94
N LEU A 11 16.12 13.38 -7.66
CA LEU A 11 16.96 13.54 -6.50
C LEU A 11 17.82 14.78 -6.63
N GLU A 12 18.27 15.06 -7.85
CA GLU A 12 19.02 16.29 -8.16
C GLU A 12 18.23 17.55 -7.83
N LYS A 13 16.90 17.48 -8.06
CA LYS A 13 16.02 18.61 -7.80
C LYS A 13 15.88 18.95 -6.32
N VAL A 14 16.06 17.96 -5.45
CA VAL A 14 15.96 18.20 -4.02
C VAL A 14 17.33 18.48 -3.38
N SER A 15 18.37 18.45 -4.21
CA SER A 15 19.76 18.62 -3.78
C SER A 15 20.42 19.83 -4.44
N HIS A 16 21.56 20.24 -3.88
CA HIS A 16 22.49 21.17 -4.53
C HIS A 16 23.86 20.54 -4.46
N GLN A 17 24.39 20.18 -5.62
CA GLN A 17 25.71 19.59 -5.74
C GLN A 17 25.90 18.33 -4.90
N GLY A 18 24.88 17.48 -4.88
CA GLY A 18 24.96 16.19 -4.21
C GLY A 18 24.70 16.28 -2.72
N ILE A 19 24.42 17.48 -2.24
CA ILE A 19 24.12 17.72 -0.84
C ILE A 19 22.66 18.13 -0.69
N ILE A 20 21.95 17.45 0.22
CA ILE A 20 20.57 17.77 0.52
C ILE A 20 20.49 18.74 1.70
N SER A 21 20.34 20.03 1.39
CA SER A 21 20.12 21.07 2.41
C SER A 21 18.63 21.37 2.47
N ALA A 22 17.92 20.51 3.18
CA ALA A 22 16.47 20.49 3.09
C ALA A 22 15.82 21.05 4.33
N LEU A 23 14.74 21.81 4.10
CA LEU A 23 13.95 22.43 5.13
C LEU A 23 12.80 21.49 5.46
N ALA A 24 12.66 21.14 6.74
CA ALA A 24 11.67 20.15 7.14
C ALA A 24 10.50 20.82 7.81
N PHE A 25 9.33 20.69 7.20
CA PHE A 25 8.13 21.28 7.76
C PHE A 25 6.87 20.47 7.47
N ASP A 26 6.96 19.15 7.71
CA ASP A 26 5.77 18.31 7.62
C ASP A 26 5.09 18.11 8.99
N GLN A 27 5.61 18.77 10.02
CA GLN A 27 5.08 18.64 11.37
C GLN A 27 3.58 18.95 11.39
N ARG A 28 2.84 18.08 12.04
CA ARG A 28 1.41 18.28 12.20
C ARG A 28 1.10 18.37 13.70
N GLY A 29 1.10 17.22 14.37
CA GLY A 29 0.83 17.14 15.80
C GLY A 29 1.78 18.00 16.60
N ALA A 30 3.06 17.90 16.27
CA ALA A 30 4.12 18.65 16.94
C ALA A 30 3.97 20.18 16.81
N LEU A 31 3.49 20.64 15.65
CA LEU A 31 3.23 22.07 15.44
C LEU A 31 2.01 22.54 16.21
N LYS A 32 0.94 21.75 16.20
CA LYS A 32 -0.24 22.03 17.02
C LYS A 32 0.12 22.22 18.49
N GLN A 33 1.05 21.39 18.98
CA GLN A 33 1.57 21.48 20.33
C GLN A 33 2.31 22.78 20.63
N MET A 34 3.18 23.18 19.69
CA MET A 34 3.98 24.40 19.86
C MET A 34 3.12 25.65 19.83
N MET A 35 2.06 25.61 19.01
CA MET A 35 1.14 26.73 18.88
C MET A 35 0.27 26.88 20.14
N ALA A 36 -0.22 25.76 20.66
CA ALA A 36 -1.07 25.73 21.84
C ALA A 36 -0.36 26.29 23.09
N ALA A 37 0.96 26.45 23.01
CA ALA A 37 1.75 26.98 24.10
C ALA A 37 1.75 28.51 24.14
N HIS A 38 0.99 29.14 23.24
CA HIS A 38 1.02 30.60 23.09
C HIS A 38 -0.35 31.24 22.89
N GLN A 39 -1.38 30.39 22.79
CA GLN A 39 -2.76 30.86 22.69
C GLN A 39 -3.71 29.93 23.44
N GLU A 40 -4.93 30.41 23.65
CA GLU A 40 -5.92 29.65 24.42
C GLU A 40 -6.38 28.34 23.77
N GLY A 41 -6.91 28.43 22.54
CA GLY A 41 -7.58 27.26 21.93
C GLY A 41 -6.72 26.32 21.10
N GLU A 42 -7.41 25.44 20.37
CA GLU A 42 -6.82 24.60 19.33
C GLU A 42 -6.33 25.51 18.19
N ALA A 43 -5.18 25.18 17.60
CA ALA A 43 -4.70 25.89 16.40
C ALA A 43 -5.68 25.65 15.25
N THR A 44 -6.03 26.72 14.52
CA THR A 44 -6.95 26.58 13.39
C THR A 44 -6.24 26.03 12.15
N VAL A 45 -7.04 25.47 11.23
CA VAL A 45 -6.54 25.00 9.95
C VAL A 45 -5.76 26.13 9.25
N THR A 46 -6.39 27.30 9.19
CA THR A 46 -5.79 28.53 8.66
C THR A 46 -4.39 28.80 9.20
N GLN A 47 -4.24 28.72 10.51
CA GLN A 47 -2.99 29.05 11.16
C GLN A 47 -1.86 28.10 10.78
N ILE A 48 -2.18 26.81 10.72
CA ILE A 48 -1.21 25.79 10.34
C ILE A 48 -0.81 25.97 8.87
N GLU A 49 -1.80 26.13 8.00
CA GLU A 49 -1.57 26.39 6.58
C GLU A 49 -0.75 27.66 6.33
N THR A 50 -1.04 28.72 7.08
CA THR A 50 -0.43 30.03 6.88
C THR A 50 1.05 30.05 7.27
N LEU A 51 1.38 29.51 8.43
CA LEU A 51 2.77 29.45 8.88
C LEU A 51 3.62 28.60 7.94
N LYS A 52 3.04 27.54 7.41
CA LYS A 52 3.73 26.70 6.43
C LYS A 52 4.01 27.48 5.14
N VAL A 53 3.04 28.31 4.73
CA VAL A 53 3.19 29.18 3.55
C VAL A 53 4.30 30.22 3.77
N LEU A 54 4.30 30.84 4.94
CA LEU A 54 5.30 31.84 5.31
C LEU A 54 6.73 31.28 5.37
N VAL A 55 6.91 30.14 6.04
CA VAL A 55 8.22 29.49 6.11
C VAL A 55 8.70 29.07 4.73
N SER A 56 7.76 28.59 3.92
CA SER A 56 8.06 28.20 2.56
C SER A 56 8.48 29.43 1.73
N GLU A 57 7.64 30.47 1.76
CA GLU A 57 7.90 31.70 1.02
C GLU A 57 9.28 32.32 1.31
N GLU A 58 9.64 32.39 2.58
CA GLU A 58 10.82 33.15 3.01
C GLU A 58 12.10 32.33 3.18
N LEU A 59 11.96 31.05 3.46
CA LEU A 59 13.16 30.25 3.71
C LEU A 59 13.58 29.30 2.58
N THR A 60 12.66 28.93 1.68
CA THR A 60 13.06 28.10 0.52
C THR A 60 14.09 28.71 -0.43
N PRO A 61 14.25 30.06 -0.45
CA PRO A 61 15.39 30.54 -1.25
C PRO A 61 16.75 30.05 -0.74
N TYR A 62 16.77 29.49 0.47
CA TYR A 62 18.01 29.11 1.12
C TYR A 62 18.11 27.61 1.38
N ALA A 63 17.21 26.85 0.78
CA ALA A 63 17.18 25.39 0.94
C ALA A 63 17.15 24.72 -0.44
N SER A 64 17.80 23.57 -0.57
CA SER A 64 17.72 22.82 -1.83
C SER A 64 16.34 22.17 -2.03
N SER A 65 15.62 21.94 -0.94
CA SER A 65 14.28 21.36 -0.98
C SER A 65 13.49 21.63 0.30
N ILE A 66 12.19 21.40 0.25
CA ILE A 66 11.33 21.51 1.42
C ILE A 66 10.48 20.25 1.58
N LEU A 67 10.35 19.81 2.83
CA LEU A 67 9.46 18.69 3.16
C LEU A 67 8.16 19.24 3.71
N LEU A 68 7.04 18.83 3.11
CA LEU A 68 5.72 19.22 3.58
C LEU A 68 4.81 18.02 3.72
N ASP A 69 3.72 18.21 4.45
CA ASP A 69 2.70 17.20 4.62
C ASP A 69 1.58 17.57 3.67
N PRO A 70 0.88 16.57 3.11
CA PRO A 70 -0.16 16.94 2.17
C PRO A 70 -1.49 17.26 2.82
N GLU A 71 -1.55 17.22 4.16
CA GLU A 71 -2.79 17.57 4.88
C GLU A 71 -2.97 19.09 5.01
N TYR A 72 -1.89 19.80 5.38
CA TYR A 72 -1.94 21.25 5.61
C TYR A 72 -0.97 22.02 4.70
N GLY A 73 0.01 21.31 4.13
CA GLY A 73 1.10 21.97 3.42
C GLY A 73 0.90 22.25 1.94
N LEU A 74 -0.29 21.96 1.41
CA LEU A 74 -0.51 22.07 -0.03
C LEU A 74 -0.41 23.50 -0.55
N LEU A 75 -0.87 24.46 0.23
CA LEU A 75 -0.69 25.86 -0.11
C LEU A 75 0.79 26.21 -0.16
N ALA A 76 1.55 25.73 0.82
CA ALA A 76 2.99 25.98 0.91
C ALA A 76 3.80 25.37 -0.24
N THR A 77 3.24 24.39 -0.95
CA THR A 77 3.96 23.76 -2.06
C THR A 77 4.07 24.70 -3.24
N LYS A 78 3.14 25.64 -3.32
CA LYS A 78 2.96 26.53 -4.47
C LYS A 78 3.80 27.80 -4.38
N VAL A 79 4.49 28.01 -3.26
CA VAL A 79 5.20 29.26 -3.04
C VAL A 79 6.72 29.08 -2.95
N ARG A 80 7.19 27.91 -3.37
CA ARG A 80 8.61 27.59 -3.37
C ARG A 80 9.40 28.45 -4.33
N ALA A 81 10.62 28.79 -3.92
CA ALA A 81 11.60 29.46 -4.76
C ALA A 81 11.98 28.53 -5.92
N ASN A 82 12.49 29.09 -7.02
CA ASN A 82 12.76 28.32 -8.23
C ASN A 82 13.50 26.98 -8.06
N GLN A 83 14.64 26.99 -7.37
CA GLN A 83 15.50 25.80 -7.32
C GLN A 83 15.03 24.74 -6.32
N THR A 84 14.02 25.07 -5.52
CA THR A 84 13.63 24.26 -4.38
C THR A 84 12.73 23.06 -4.74
N GLY A 85 13.27 21.87 -4.54
CA GLY A 85 12.49 20.65 -4.75
C GLY A 85 11.52 20.38 -3.62
N LEU A 86 10.63 19.41 -3.81
CA LEU A 86 9.59 19.12 -2.84
C LEU A 86 9.59 17.66 -2.43
N LEU A 87 9.51 17.45 -1.11
CA LEU A 87 9.24 16.12 -0.56
C LEU A 87 7.91 16.19 0.15
N LEU A 88 7.07 15.18 -0.06
CA LEU A 88 5.81 15.07 0.66
C LEU A 88 5.76 13.85 1.58
N ALA A 89 5.31 14.07 2.81
CA ALA A 89 5.11 13.01 3.79
C ALA A 89 3.92 12.15 3.38
N TYR A 90 3.98 10.86 3.69
CA TYR A 90 3.01 9.89 3.25
C TYR A 90 2.29 9.26 4.45
N GLU A 91 2.93 9.29 5.62
CA GLU A 91 2.41 8.63 6.82
C GLU A 91 1.36 9.48 7.55
N LYS A 92 0.45 8.81 8.25
CA LYS A 92 -0.36 9.44 9.28
C LYS A 92 0.55 9.91 10.40
N THR A 93 0.28 11.11 10.91
CA THR A 93 1.13 11.71 11.94
C THR A 93 0.99 11.00 13.29
N GLY A 94 2.07 10.95 14.03
CA GLY A 94 2.07 10.43 15.41
C GLY A 94 1.86 8.94 15.52
N TYR A 95 1.41 8.50 16.69
CA TYR A 95 1.25 7.08 17.02
C TYR A 95 0.49 6.91 18.35
N ASP A 96 -0.15 5.76 18.54
CA ASP A 96 -0.82 5.43 19.80
C ASP A 96 0.22 5.12 20.87
N ALA A 97 0.36 6.02 21.82
CA ALA A 97 1.40 5.86 22.85
C ALA A 97 1.07 4.78 23.89
N THR A 98 -0.14 4.22 23.83
CA THR A 98 -0.59 3.22 24.80
C THR A 98 -0.27 1.78 24.38
N THR A 99 0.13 1.60 23.12
CA THR A 99 0.61 0.28 22.69
C THR A 99 2.06 0.38 22.19
N THR A 100 2.74 -0.77 22.18
CA THR A 100 4.17 -0.83 21.92
C THR A 100 4.50 -1.00 20.43
N SER A 101 3.49 -1.31 19.62
CA SER A 101 3.70 -1.74 18.24
C SER A 101 4.01 -0.60 17.25
N ARG A 102 3.41 0.57 17.45
CA ARG A 102 3.59 1.75 16.59
C ARG A 102 3.57 1.40 15.10
N LEU A 103 2.47 0.80 14.65
CA LEU A 103 2.32 0.33 13.28
C LEU A 103 2.11 1.45 12.26
N PRO A 104 2.83 1.38 11.13
CA PRO A 104 2.76 2.39 10.05
C PRO A 104 1.41 2.38 9.36
N ASP A 105 0.98 3.55 8.86
CA ASP A 105 -0.34 3.68 8.24
C ASP A 105 -0.34 4.91 7.32
N CYS A 106 -0.55 4.70 6.03
CA CYS A 106 -0.51 5.80 5.05
C CYS A 106 -1.73 6.68 5.17
N LEU A 107 -1.56 7.97 4.89
CA LEU A 107 -2.70 8.89 4.76
C LEU A 107 -3.72 8.31 3.78
N VAL A 108 -4.96 8.14 4.23
CA VAL A 108 -5.96 7.35 3.50
C VAL A 108 -6.39 7.93 2.16
N GLU A 109 -6.13 9.22 1.95
CA GLU A 109 -6.54 9.91 0.72
C GLU A 109 -5.43 9.94 -0.33
N TRP A 110 -4.27 9.38 0.01
CA TRP A 110 -3.10 9.51 -0.85
C TRP A 110 -2.56 8.18 -1.37
N SER A 111 -1.90 8.27 -2.51
CA SER A 111 -1.06 7.21 -3.05
C SER A 111 0.18 7.91 -3.57
N VAL A 112 1.23 7.15 -3.85
CA VAL A 112 2.44 7.75 -4.43
C VAL A 112 2.10 8.50 -5.73
N LYS A 113 1.29 7.87 -6.57
CA LYS A 113 0.79 8.52 -7.79
C LYS A 113 0.24 9.92 -7.50
N ARG A 114 -0.61 10.06 -6.49
CA ARG A 114 -1.25 11.35 -6.18
C ARG A 114 -0.26 12.35 -5.57
N LEU A 115 0.68 11.83 -4.77
CA LEU A 115 1.70 12.68 -4.20
C LEU A 115 2.58 13.27 -5.30
N LYS A 116 2.90 12.44 -6.30
CA LYS A 116 3.60 12.90 -7.49
C LYS A 116 2.78 13.93 -8.26
N ALA A 117 1.49 13.64 -8.48
CA ALA A 117 0.59 14.57 -9.16
C ALA A 117 0.54 15.94 -8.46
N ALA A 118 0.71 15.92 -7.14
CA ALA A 118 0.71 17.14 -6.31
C ALA A 118 2.06 17.85 -6.32
N GLY A 119 3.02 17.32 -7.08
CA GLY A 119 4.29 18.01 -7.30
C GLY A 119 5.51 17.47 -6.58
N ALA A 120 5.35 16.39 -5.82
CA ALA A 120 6.50 15.80 -5.09
C ALA A 120 7.61 15.37 -6.03
N ASP A 121 8.85 15.72 -5.67
CA ASP A 121 10.04 15.17 -6.32
C ASP A 121 10.57 13.94 -5.57
N ALA A 122 10.08 13.74 -4.33
CA ALA A 122 10.49 12.60 -3.51
C ALA A 122 9.40 12.29 -2.50
N ILE A 123 9.28 11.01 -2.14
CA ILE A 123 8.26 10.55 -1.21
C ILE A 123 8.93 10.21 0.12
N LYS A 124 8.44 10.81 1.20
CA LYS A 124 8.94 10.50 2.52
C LYS A 124 7.90 9.74 3.33
N PHE A 125 8.34 8.67 3.98
CA PHE A 125 7.50 7.93 4.90
C PHE A 125 8.22 7.72 6.22
N LEU A 126 7.56 8.07 7.32
CA LEU A 126 8.11 7.86 8.66
C LEU A 126 7.65 6.55 9.27
N LEU A 127 8.62 5.73 9.68
CA LEU A 127 8.38 4.48 10.38
C LEU A 127 9.06 4.45 11.75
N TYR A 128 8.31 4.17 12.80
CA TYR A 128 8.91 3.86 14.09
C TYR A 128 9.38 2.41 14.09
N TYR A 129 10.63 2.19 14.48
CA TYR A 129 11.17 0.84 14.44
C TYR A 129 12.01 0.48 15.65
N ASP A 130 11.63 -0.61 16.31
CA ASP A 130 12.44 -1.19 17.38
C ASP A 130 13.01 -2.47 16.84
N VAL A 131 14.30 -2.44 16.55
CA VAL A 131 14.98 -3.59 15.98
C VAL A 131 14.94 -4.84 16.90
N ASP A 132 14.75 -4.63 18.21
CA ASP A 132 14.67 -5.71 19.18
C ASP A 132 13.24 -6.10 19.53
N GLY A 133 12.26 -5.48 18.87
CA GLY A 133 10.85 -5.67 19.22
C GLY A 133 10.22 -6.96 18.74
N ASP A 134 8.91 -7.06 18.91
CA ASP A 134 8.12 -8.22 18.50
C ASP A 134 8.36 -8.55 17.03
N GLU A 135 8.79 -9.78 16.75
CA GLU A 135 9.15 -10.20 15.40
C GLU A 135 8.01 -10.07 14.38
N GLN A 136 6.77 -10.37 14.81
CA GLN A 136 5.67 -10.37 13.87
C GLN A 136 5.20 -8.94 13.58
N ILE A 137 5.36 -8.05 14.55
CA ILE A 137 5.13 -6.63 14.35
C ILE A 137 6.12 -6.09 13.31
N ASN A 138 7.37 -6.52 13.42
CA ASN A 138 8.41 -6.04 12.52
C ASN A 138 8.26 -6.61 11.11
N LEU A 139 7.75 -7.83 11.02
CA LEU A 139 7.33 -8.42 9.76
C LEU A 139 6.23 -7.57 9.10
N GLN A 140 5.23 -7.16 9.88
CA GLN A 140 4.18 -6.23 9.40
C GLN A 140 4.79 -4.96 8.83
N LYS A 141 5.76 -4.41 9.56
CA LYS A 141 6.38 -3.16 9.15
C LYS A 141 7.23 -3.33 7.91
N GLN A 142 7.95 -4.44 7.83
CA GLN A 142 8.76 -4.76 6.68
C GLN A 142 7.91 -4.96 5.43
N ALA A 143 6.82 -5.73 5.54
CA ALA A 143 5.86 -5.84 4.45
C ALA A 143 5.31 -4.47 3.99
N TYR A 144 5.02 -3.61 4.97
CA TYR A 144 4.42 -2.30 4.69
C TYR A 144 5.37 -1.40 3.88
N ILE A 145 6.66 -1.40 4.23
CA ILE A 145 7.66 -0.59 3.54
C ILE A 145 7.90 -1.13 2.14
N GLU A 146 7.85 -2.45 1.99
CA GLU A 146 7.92 -3.09 0.67
C GLU A 146 6.86 -2.55 -0.28
N ARG A 147 5.62 -2.42 0.22
CA ARG A 147 4.52 -1.89 -0.58
C ARG A 147 4.86 -0.46 -1.03
N ILE A 148 5.31 0.37 -0.08
CA ILE A 148 5.66 1.76 -0.39
C ILE A 148 6.84 1.85 -1.33
N GLY A 149 7.86 1.03 -1.06
CA GLY A 149 9.02 0.95 -1.94
C GLY A 149 8.65 0.55 -3.35
N SER A 150 7.69 -0.37 -3.48
CA SER A 150 7.26 -0.84 -4.78
C SER A 150 6.52 0.29 -5.50
N GLU A 151 5.66 0.99 -4.77
CA GLU A 151 5.00 2.16 -5.33
C GLU A 151 6.00 3.13 -5.94
N CYS A 152 7.03 3.47 -5.17
CA CYS A 152 8.04 4.43 -5.60
C CYS A 152 8.87 3.89 -6.75
N THR A 153 9.09 2.57 -6.80
CA THR A 153 9.76 1.96 -7.96
C THR A 153 8.92 2.09 -9.24
N ALA A 154 7.62 1.84 -9.13
CA ALA A 154 6.72 1.91 -10.27
C ALA A 154 6.56 3.35 -10.79
N GLU A 155 6.38 4.30 -9.87
CA GLU A 155 6.26 5.71 -10.24
C GLU A 155 7.63 6.35 -10.52
N ASP A 156 8.69 5.59 -10.26
CA ASP A 156 10.07 5.97 -10.57
C ASP A 156 10.47 7.27 -9.87
N ILE A 157 10.17 7.33 -8.58
CA ILE A 157 10.38 8.52 -7.77
C ILE A 157 11.17 8.15 -6.50
N PRO A 158 12.11 9.02 -6.08
CA PRO A 158 12.92 8.74 -4.88
C PRO A 158 12.10 8.42 -3.63
N PHE A 159 12.49 7.35 -2.95
CA PHE A 159 11.85 6.96 -1.69
C PHE A 159 12.79 7.30 -0.55
N PHE A 160 12.36 8.27 0.26
CA PHE A 160 13.06 8.65 1.48
C PHE A 160 12.36 7.94 2.65
N LEU A 161 13.05 7.01 3.29
CA LEU A 161 12.50 6.35 4.48
C LEU A 161 13.06 7.00 5.72
N GLU A 162 12.16 7.56 6.54
CA GLU A 162 12.53 8.15 7.81
C GLU A 162 12.38 7.11 8.93
N LEU A 163 13.48 6.84 9.62
CA LEU A 163 13.47 5.90 10.71
C LEU A 163 13.58 6.61 12.06
N LEU A 164 12.54 6.47 12.87
CA LEU A 164 12.60 6.91 14.26
C LEU A 164 12.67 5.68 15.15
N SER A 165 13.80 5.55 15.84
CA SER A 165 14.09 4.41 16.69
C SER A 165 13.35 4.52 18.01
N TYR A 166 13.06 3.37 18.61
CA TYR A 166 12.49 3.33 19.96
C TYR A 166 12.68 1.96 20.60
N ASP A 167 12.38 1.91 21.90
CA ASP A 167 12.34 0.66 22.63
C ASP A 167 10.92 0.46 23.10
N GLU A 168 10.42 -0.76 22.93
CA GLU A 168 9.05 -1.13 23.26
C GLU A 168 8.69 -0.84 24.72
N ARG A 169 9.71 -0.78 25.59
CA ARG A 169 9.52 -0.63 27.02
C ARG A 169 9.77 0.78 27.55
N ILE A 170 10.20 1.69 26.69
CA ILE A 170 10.56 3.05 27.09
C ILE A 170 9.75 4.07 26.30
N SER A 171 8.88 4.81 26.98
CA SER A 171 8.06 5.82 26.31
C SER A 171 8.82 7.11 25.96
N ASP A 172 9.77 7.50 26.81
CA ASP A 172 10.47 8.77 26.67
C ASP A 172 11.84 8.60 26.00
N ASN A 173 11.92 9.06 24.75
CA ASN A 173 13.16 9.06 23.96
C ASN A 173 14.27 9.95 24.49
N ASN A 174 13.90 10.92 25.34
CA ASN A 174 14.85 11.89 25.88
C ASN A 174 15.57 11.40 27.11
N SER A 175 15.12 10.27 27.65
CA SER A 175 15.63 9.78 28.93
C SER A 175 17.00 9.13 28.83
N ALA A 176 17.70 9.13 29.95
CA ALA A 176 19.01 8.49 30.07
C ALA A 176 18.94 6.98 29.78
N ALA A 177 17.82 6.35 30.16
CA ALA A 177 17.64 4.92 29.91
C ALA A 177 17.63 4.62 28.42
N TYR A 178 16.96 5.47 27.63
CA TYR A 178 16.95 5.30 26.18
C TYR A 178 18.29 5.66 25.52
N ALA A 179 18.97 6.67 26.05
CA ALA A 179 20.24 7.10 25.51
C ALA A 179 21.25 5.94 25.39
N LYS A 180 21.26 5.05 26.37
CA LYS A 180 22.19 3.91 26.35
C LYS A 180 21.89 2.93 25.21
N LEU A 181 20.64 2.94 24.74
CA LEU A 181 20.16 1.99 23.74
C LEU A 181 20.16 2.57 22.32
N LYS A 182 20.23 3.90 22.23
CA LYS A 182 20.09 4.60 20.95
C LYS A 182 20.98 4.11 19.79
N PRO A 183 22.30 3.93 20.02
CA PRO A 183 23.16 3.53 18.90
C PRO A 183 22.76 2.19 18.26
N HIS A 184 22.43 1.21 19.10
CA HIS A 184 22.01 -0.10 18.62
C HIS A 184 20.66 -0.01 17.88
N LYS A 185 19.74 0.80 18.39
CA LYS A 185 18.41 0.95 17.76
C LYS A 185 18.47 1.64 16.41
N VAL A 186 19.30 2.67 16.33
CA VAL A 186 19.38 3.50 15.13
C VAL A 186 20.10 2.75 14.03
N ASN A 187 21.29 2.26 14.36
CA ASN A 187 22.15 1.54 13.42
C ASN A 187 21.55 0.21 12.99
N GLY A 188 20.88 -0.48 13.91
CA GLY A 188 20.23 -1.73 13.60
C GLY A 188 19.09 -1.54 12.61
N ALA A 189 18.27 -0.51 12.85
CA ALA A 189 17.16 -0.20 11.95
C ALA A 189 17.67 0.13 10.54
N MET A 190 18.69 0.96 10.45
CA MET A 190 19.28 1.35 9.17
C MET A 190 19.74 0.11 8.40
N SER A 191 20.39 -0.80 9.12
CA SER A 191 20.92 -2.01 8.55
C SER A 191 19.81 -2.88 7.96
N VAL A 192 18.72 -3.06 8.71
CA VAL A 192 17.56 -3.81 8.24
C VAL A 192 17.05 -3.25 6.92
N PHE A 193 16.76 -1.95 6.91
CA PHE A 193 16.12 -1.31 5.75
C PHE A 193 17.04 -0.92 4.58
N SER A 194 18.27 -1.44 4.64
CA SER A 194 19.24 -1.32 3.56
C SER A 194 19.08 -2.41 2.51
N ASP A 195 18.29 -3.43 2.82
CA ASP A 195 18.01 -4.48 1.86
C ASP A 195 17.30 -3.92 0.61
N LYS A 196 17.71 -4.42 -0.55
CA LYS A 196 17.19 -4.00 -1.84
C LYS A 196 15.67 -4.10 -1.90
N ARG A 197 15.12 -5.09 -1.18
CA ARG A 197 13.68 -5.35 -1.16
C ARG A 197 12.82 -4.15 -0.69
N PHE A 198 13.41 -3.21 0.04
CA PHE A 198 12.63 -2.06 0.53
C PHE A 198 12.61 -0.87 -0.44
N GLY A 199 13.46 -0.91 -1.46
CA GLY A 199 13.45 0.11 -2.50
C GLY A 199 13.78 1.53 -2.01
N VAL A 200 14.59 1.62 -0.95
CA VAL A 200 14.90 2.91 -0.37
C VAL A 200 16.04 3.56 -1.13
N ASP A 201 15.89 4.84 -1.45
CA ASP A 201 16.95 5.59 -2.12
C ASP A 201 17.75 6.42 -1.13
N VAL A 202 17.07 7.04 -0.16
CA VAL A 202 17.78 7.81 0.88
C VAL A 202 17.18 7.54 2.26
N LEU A 203 18.06 7.32 3.23
CA LEU A 203 17.62 7.13 4.62
C LEU A 203 17.62 8.46 5.37
N LYS A 204 16.53 8.77 6.04
CA LYS A 204 16.47 9.94 6.89
C LYS A 204 16.47 9.42 8.31
N VAL A 205 17.55 9.73 9.04
CA VAL A 205 17.82 9.06 10.30
C VAL A 205 18.25 10.03 11.39
N GLU A 206 18.22 9.52 12.62
CA GLU A 206 18.68 10.26 13.76
C GLU A 206 20.19 10.10 13.87
N VAL A 207 20.82 11.07 14.50
CA VAL A 207 22.18 10.89 15.00
C VAL A 207 22.10 9.77 16.04
N PRO A 208 23.11 8.89 16.08
CA PRO A 208 22.97 7.64 16.85
C PRO A 208 23.04 7.81 18.38
N VAL A 209 23.50 8.97 18.86
CA VAL A 209 23.53 9.26 20.29
C VAL A 209 22.65 10.46 20.60
N ASN A 210 22.33 10.64 21.88
CA ASN A 210 21.68 11.86 22.36
C ASN A 210 22.77 12.86 22.75
N MET A 211 23.06 13.78 21.84
CA MET A 211 24.19 14.71 22.01
C MET A 211 24.17 15.46 23.35
N ALA A 212 22.96 15.75 23.85
CA ALA A 212 22.79 16.44 25.12
C ALA A 212 23.38 15.67 26.31
N TYR A 213 23.80 14.42 26.09
CA TYR A 213 24.40 13.58 27.13
C TYR A 213 25.83 13.13 26.80
N VAL A 214 26.46 13.77 25.82
CA VAL A 214 27.83 13.44 25.45
C VAL A 214 28.80 14.38 26.16
N GLU A 215 29.89 13.81 26.68
CA GLU A 215 30.96 14.56 27.35
C GLU A 215 31.48 15.68 26.45
N GLY A 216 31.40 16.91 26.96
CA GLY A 216 31.84 18.09 26.22
C GLY A 216 30.71 18.90 25.60
N PHE A 217 29.48 18.38 25.70
CA PHE A 217 28.30 19.00 25.07
C PHE A 217 27.25 19.40 26.09
N THR A 218 27.52 19.06 27.35
CA THR A 218 26.65 19.39 28.46
C THR A 218 27.47 19.68 29.72
N GLU A 219 26.99 20.63 30.51
CA GLU A 219 27.30 20.60 31.94
C GLU A 219 26.11 19.90 32.59
N GLY A 220 26.37 18.78 33.24
CA GLY A 220 25.30 17.94 33.76
C GLY A 220 25.56 16.48 33.50
N GLU A 221 24.51 15.68 33.55
CA GLU A 221 24.65 14.23 33.43
C GLU A 221 25.30 13.86 32.09
N VAL A 222 26.28 12.95 32.18
CA VAL A 222 27.03 12.49 31.02
C VAL A 222 26.90 10.98 30.88
N HIS A 223 26.38 10.52 29.74
CA HIS A 223 26.16 9.10 29.54
C HIS A 223 27.03 8.44 28.47
N TYR A 224 27.65 9.26 27.62
CA TYR A 224 28.67 8.77 26.68
C TYR A 224 29.93 9.58 26.82
N SER A 225 31.08 8.92 26.74
CA SER A 225 32.33 9.65 26.52
C SER A 225 32.34 10.12 25.06
N GLN A 226 33.30 10.96 24.70
CA GLN A 226 33.48 11.33 23.31
C GLN A 226 33.92 10.12 22.48
N ALA A 227 34.74 9.26 23.07
CA ALA A 227 35.22 8.06 22.41
C ALA A 227 34.06 7.13 22.07
N GLU A 228 33.04 7.13 22.93
CA GLU A 228 31.86 6.29 22.73
C GLU A 228 30.93 6.88 21.69
N ALA A 229 30.78 8.20 21.71
CA ALA A 229 29.99 8.88 20.69
C ALA A 229 30.62 8.72 19.31
N ILE A 230 31.95 8.78 19.24
CA ILE A 230 32.68 8.59 18.01
C ILE A 230 32.41 7.20 17.44
N LYS A 231 32.43 6.19 18.31
CA LYS A 231 32.19 4.81 17.93
C LYS A 231 30.77 4.61 17.37
N ALA A 232 29.79 5.29 17.96
CA ALA A 232 28.41 5.21 17.50
C ALA A 232 28.27 5.79 16.09
N PHE A 233 28.95 6.91 15.82
CA PHE A 233 28.95 7.49 14.48
C PHE A 233 29.65 6.62 13.46
N GLN A 234 30.71 5.94 13.88
CA GLN A 234 31.41 5.01 12.99
C GLN A 234 30.56 3.77 12.67
N ASP A 235 29.85 3.26 13.67
CA ASP A 235 28.91 2.14 13.48
C ASP A 235 27.78 2.54 12.53
N GLN A 236 27.27 3.77 12.69
CA GLN A 236 26.26 4.30 11.79
C GLN A 236 26.73 4.29 10.35
N GLU A 237 27.97 4.74 10.13
CA GLU A 237 28.54 4.78 8.78
C GLU A 237 28.69 3.36 8.22
N ALA A 238 28.95 2.38 9.09
CA ALA A 238 29.10 0.99 8.66
C ALA A 238 27.76 0.30 8.47
N ALA A 239 26.69 0.88 9.02
CA ALA A 239 25.39 0.21 9.10
C ALA A 239 24.70 0.05 7.75
N SER A 240 25.02 0.94 6.81
CA SER A 240 24.38 0.97 5.49
C SER A 240 25.38 1.33 4.41
N HIS A 241 25.00 1.07 3.16
CA HIS A 241 25.74 1.57 1.99
C HIS A 241 24.94 2.70 1.35
N LEU A 242 23.68 2.85 1.76
CA LEU A 242 22.79 3.88 1.21
C LEU A 242 23.16 5.28 1.69
N PRO A 243 22.85 6.30 0.87
CA PRO A 243 23.00 7.68 1.36
C PRO A 243 22.05 7.94 2.52
N TYR A 244 22.48 8.71 3.52
CA TYR A 244 21.59 9.10 4.60
C TYR A 244 21.72 10.57 4.98
N ILE A 245 20.62 11.12 5.50
CA ILE A 245 20.58 12.49 5.94
C ILE A 245 20.07 12.55 7.40
N TYR A 246 20.50 13.56 8.16
CA TYR A 246 20.14 13.66 9.56
C TYR A 246 18.92 14.53 9.75
N LEU A 247 17.99 14.04 10.55
CA LEU A 247 16.90 14.88 11.02
C LEU A 247 17.41 15.56 12.30
N SER A 248 16.91 16.76 12.58
CA SER A 248 17.39 17.53 13.72
C SER A 248 16.54 17.29 14.98
N ALA A 249 15.33 16.77 14.78
CA ALA A 249 14.38 16.53 15.87
C ALA A 249 14.10 17.85 16.62
N GLY A 250 14.21 17.82 17.95
CA GLY A 250 13.86 18.98 18.74
C GLY A 250 15.04 19.86 19.14
N VAL A 251 16.24 19.53 18.68
CA VAL A 251 17.45 20.21 19.15
C VAL A 251 17.61 21.63 18.59
N SER A 252 18.36 22.46 19.32
CA SER A 252 18.62 23.84 18.94
C SER A 252 19.55 23.90 17.73
N ALA A 253 19.47 24.98 16.96
CA ALA A 253 20.38 25.21 15.82
C ALA A 253 21.85 25.04 16.18
N LYS A 254 22.24 25.58 17.33
CA LYS A 254 23.64 25.53 17.76
C LYS A 254 24.11 24.10 17.99
N LEU A 255 23.34 23.33 18.75
CA LEU A 255 23.69 21.95 19.01
C LEU A 255 23.61 21.08 17.75
N PHE A 256 22.67 21.38 16.86
CA PHE A 256 22.63 20.68 15.57
C PHE A 256 23.93 20.89 14.79
N GLN A 257 24.32 22.15 14.63
CA GLN A 257 25.59 22.49 13.97
C GLN A 257 26.83 21.83 14.62
N GLU A 258 26.90 21.85 15.95
CA GLU A 258 27.97 21.17 16.67
C GLU A 258 27.96 19.66 16.46
N THR A 259 26.76 19.09 16.32
CA THR A 259 26.60 17.67 16.01
C THR A 259 27.20 17.36 14.64
N LEU A 260 26.91 18.19 13.66
CA LEU A 260 27.39 17.97 12.29
C LEU A 260 28.92 17.97 12.22
N TYR A 261 29.55 18.92 12.90
CA TYR A 261 31.01 18.96 12.99
C TYR A 261 31.58 17.71 13.65
N PHE A 262 30.97 17.34 14.78
CA PHE A 262 31.36 16.13 15.51
C PHE A 262 31.20 14.88 14.66
N ALA A 263 30.05 14.78 13.98
CA ALA A 263 29.75 13.66 13.07
C ALA A 263 30.77 13.52 11.95
N ALA A 264 31.14 14.65 11.34
CA ALA A 264 32.11 14.61 10.26
C ALA A 264 33.48 14.20 10.78
N ALA A 265 33.84 14.70 11.97
CA ALA A 265 35.13 14.36 12.59
C ALA A 265 35.23 12.87 12.89
N ALA A 266 34.10 12.27 13.27
CA ALA A 266 34.04 10.86 13.64
C ALA A 266 34.13 9.94 12.42
N GLY A 267 33.83 10.48 11.25
CA GLY A 267 33.95 9.72 10.01
C GLY A 267 32.62 9.46 9.34
N ALA A 268 31.56 10.08 9.87
CA ALA A 268 30.23 9.92 9.31
C ALA A 268 30.10 10.65 7.98
N GLN A 269 29.56 9.95 6.98
CA GLN A 269 29.43 10.52 5.65
C GLN A 269 27.95 10.71 5.33
N PHE A 270 27.38 11.75 5.92
CA PHE A 270 25.99 12.09 5.71
C PHE A 270 25.88 13.03 4.52
N SER A 271 24.82 12.86 3.74
CA SER A 271 24.69 13.59 2.47
C SER A 271 23.82 14.84 2.59
N GLY A 272 23.55 15.23 3.82
CA GLY A 272 22.74 16.42 4.07
C GLY A 272 21.91 16.26 5.33
N VAL A 273 20.90 17.12 5.43
CA VAL A 273 20.03 17.13 6.59
C VAL A 273 18.62 17.45 6.15
N LEU A 274 17.65 17.05 6.96
CA LEU A 274 16.30 17.54 6.83
C LEU A 274 16.04 18.26 8.15
N CYS A 275 16.25 19.57 8.15
CA CYS A 275 16.30 20.37 9.35
C CYS A 275 15.05 21.22 9.53
N GLY A 276 14.40 21.07 10.68
CA GLY A 276 13.10 21.68 10.92
C GLY A 276 13.01 22.68 12.06
N ARG A 277 12.64 22.18 13.24
CA ARG A 277 12.35 23.03 14.40
C ARG A 277 13.47 24.03 14.71
N ALA A 278 14.73 23.57 14.67
CA ALA A 278 15.90 24.42 14.93
C ALA A 278 15.87 25.74 14.13
N THR A 279 15.44 25.65 12.86
CA THR A 279 15.41 26.77 11.94
C THR A 279 14.22 27.70 12.17
N TRP A 280 13.02 27.13 12.24
CA TRP A 280 11.80 27.97 12.23
C TRP A 280 11.01 28.04 13.54
N ALA A 281 11.40 27.26 14.54
CA ALA A 281 10.64 27.17 15.81
C ALA A 281 10.28 28.52 16.41
N GLY A 282 11.24 29.46 16.36
CA GLY A 282 11.07 30.79 16.92
C GLY A 282 10.02 31.66 16.23
N SER A 283 9.63 31.30 15.01
CA SER A 283 8.55 32.02 14.32
C SER A 283 7.18 31.69 14.89
N VAL A 284 7.05 30.53 15.55
CA VAL A 284 5.78 30.04 16.08
C VAL A 284 5.17 31.00 17.14
N PRO A 285 5.93 31.34 18.22
CA PRO A 285 5.37 32.33 19.14
C PRO A 285 5.12 33.69 18.47
N VAL A 286 6.05 34.13 17.62
CA VAL A 286 5.89 35.42 16.93
C VAL A 286 4.63 35.47 16.08
N TYR A 287 4.36 34.40 15.32
CA TYR A 287 3.17 34.34 14.48
C TYR A 287 1.86 34.32 15.28
N ILE A 288 1.82 33.50 16.33
CA ILE A 288 0.61 33.36 17.13
C ILE A 288 0.29 34.65 17.94
N THR A 289 1.31 35.22 18.58
CA THR A 289 1.13 36.40 19.42
C THR A 289 1.12 37.74 18.65
N LYS A 290 1.98 37.87 17.65
CA LYS A 290 2.15 39.14 16.93
C LYS A 290 1.63 39.13 15.48
N GLY A 291 1.33 37.94 14.95
CA GLY A 291 0.68 37.84 13.65
C GLY A 291 1.58 37.65 12.43
N GLU A 292 0.95 37.70 11.26
CA GLU A 292 1.55 37.39 9.96
C GLU A 292 2.82 38.19 9.64
N ASP A 293 2.71 39.52 9.60
CA ASP A 293 3.83 40.38 9.18
C ASP A 293 5.06 40.24 10.07
N GLU A 294 4.84 40.06 11.37
CA GLU A 294 5.95 39.97 12.31
C GLU A 294 6.71 38.67 12.14
N ALA A 295 5.97 37.60 11.89
CA ALA A 295 6.55 36.30 11.63
C ALA A 295 7.44 36.35 10.38
N ARG A 296 6.98 37.11 9.37
CA ARG A 296 7.74 37.31 8.14
C ARG A 296 9.07 38.03 8.38
N LYS A 297 9.05 39.08 9.21
CA LYS A 297 10.27 39.79 9.55
C LYS A 297 11.24 38.89 10.31
N TRP A 298 10.69 38.05 11.19
CA TRP A 298 11.51 37.10 11.95
C TRP A 298 12.19 36.10 11.02
N LEU A 299 11.44 35.57 10.06
CA LEU A 299 11.98 34.60 9.10
C LEU A 299 13.11 35.20 8.24
N CYS A 300 12.91 36.42 7.76
CA CYS A 300 13.90 37.13 6.96
C CYS A 300 15.13 37.57 7.73
N THR A 301 15.07 37.53 9.05
CA THR A 301 16.21 37.93 9.89
C THR A 301 16.75 36.75 10.73
N GLU A 302 16.11 36.47 11.86
CA GLU A 302 16.50 35.34 12.74
C GLU A 302 16.41 34.00 12.01
N GLY A 303 15.33 33.81 11.26
CA GLY A 303 15.12 32.58 10.50
C GLY A 303 16.20 32.37 9.45
N PHE A 304 16.50 33.42 8.69
CA PHE A 304 17.58 33.36 7.72
C PHE A 304 18.92 33.03 8.39
N GLN A 305 19.20 33.67 9.53
CA GLN A 305 20.42 33.42 10.28
C GLN A 305 20.60 31.94 10.63
N ASN A 306 19.54 31.35 11.16
CA ASN A 306 19.56 29.93 11.50
C ASN A 306 19.92 29.07 10.30
N ILE A 307 19.27 29.34 9.17
CA ILE A 307 19.46 28.50 8.00
C ILE A 307 20.83 28.75 7.35
N ASP A 308 21.26 30.00 7.35
CA ASP A 308 22.48 30.37 6.68
C ASP A 308 23.69 29.76 7.40
N GLU A 309 23.67 29.79 8.74
CA GLU A 309 24.69 29.16 9.56
C GLU A 309 24.72 27.64 9.29
N LEU A 310 23.53 27.03 9.29
CA LEU A 310 23.40 25.60 8.96
C LEU A 310 24.04 25.29 7.59
N ASN A 311 23.72 26.07 6.58
CA ASN A 311 24.27 25.86 5.24
C ASN A 311 25.80 25.95 5.20
N ARG A 312 26.36 26.88 5.96
CA ARG A 312 27.81 27.02 6.07
C ARG A 312 28.43 25.73 6.64
N VAL A 313 27.87 25.25 7.76
CA VAL A 313 28.32 24.02 8.38
C VAL A 313 28.17 22.83 7.45
N LEU A 314 27.02 22.74 6.77
CA LEU A 314 26.76 21.71 5.76
C LEU A 314 27.83 21.64 4.69
N GLU A 315 28.17 22.80 4.14
CA GLU A 315 29.24 22.95 3.15
C GLU A 315 30.59 22.40 3.63
N GLU A 316 30.89 22.58 4.92
CA GLU A 316 32.13 22.05 5.49
C GLU A 316 32.08 20.56 5.88
N THR A 317 30.89 20.06 6.20
CA THR A 317 30.82 18.75 6.87
C THR A 317 30.24 17.60 6.07
N ALA A 318 29.26 17.87 5.21
CA ALA A 318 28.51 16.84 4.48
C ALA A 318 29.29 16.20 3.31
N SER A 319 28.99 14.94 3.02
CA SER A 319 29.56 14.24 1.86
C SER A 319 28.47 14.01 0.82
N PRO A 320 28.69 14.47 -0.44
CA PRO A 320 27.68 14.35 -1.50
C PRO A 320 27.24 12.90 -1.70
N TRP A 321 25.95 12.69 -1.98
CA TRP A 321 25.41 11.35 -2.25
C TRP A 321 25.93 10.76 -3.57
N THR A 322 26.53 11.59 -4.42
CA THR A 322 27.18 11.15 -5.66
C THR A 322 28.39 10.29 -5.35
N GLU A 323 28.86 10.34 -4.12
CA GLU A 323 29.97 9.48 -3.69
C GLU A 323 29.49 8.06 -3.37
N LYS A 324 28.18 7.91 -3.13
CA LYS A 324 27.62 6.64 -2.68
C LYS A 324 26.66 5.94 -3.64
N ILE A 325 25.87 6.71 -4.40
CA ILE A 325 24.81 6.12 -5.24
C ILE A 325 25.31 5.24 -6.37
N LEU A 326 24.65 4.09 -6.51
CA LEU A 326 24.96 3.13 -7.55
C LEU A 326 23.99 3.31 -8.72
N GLU A 327 24.50 3.64 -9.91
CA GLU A 327 23.64 3.81 -11.08
C GLU A 327 23.04 2.48 -11.58
N HIS A 328 21.82 2.56 -12.12
CA HIS A 328 21.31 1.53 -13.01
C HIS A 328 21.67 1.99 -14.43
N HIS A 329 21.91 1.04 -15.34
CA HIS A 329 22.36 1.38 -16.69
C HIS A 329 21.29 1.14 -17.76
N THR B 2 -2.37 -0.95 -21.27
CA THR B 2 -1.53 -1.91 -22.04
C THR B 2 -0.91 -2.96 -21.13
N ILE B 3 -0.52 -4.08 -21.73
CA ILE B 3 0.15 -5.14 -20.99
C ILE B 3 1.62 -5.24 -21.36
N THR B 4 2.39 -5.56 -20.34
CA THR B 4 3.82 -5.72 -20.44
C THR B 4 4.15 -7.17 -20.85
N ALA B 5 5.36 -7.41 -21.37
CA ALA B 5 5.75 -8.75 -21.79
C ALA B 5 5.80 -9.74 -20.63
N ASN B 6 6.32 -9.29 -19.48
CA ASN B 6 6.38 -10.14 -18.29
C ASN B 6 5.00 -10.42 -17.71
N LYS B 7 4.12 -9.42 -17.70
CA LYS B 7 2.74 -9.60 -17.24
C LYS B 7 2.00 -10.57 -18.17
N ARG B 8 2.18 -10.41 -19.48
CA ARG B 8 1.54 -11.32 -20.43
C ARG B 8 1.99 -12.77 -20.22
N HIS B 9 3.29 -12.95 -20.01
CA HIS B 9 3.85 -14.26 -19.81
C HIS B 9 3.27 -14.94 -18.55
N TYR B 10 3.08 -14.17 -17.49
CA TYR B 10 2.34 -14.63 -16.31
C TYR B 10 0.86 -14.89 -16.62
N LEU B 11 0.24 -13.99 -17.37
CA LEU B 11 -1.18 -14.15 -17.71
C LEU B 11 -1.43 -15.45 -18.51
N GLU B 12 -0.49 -15.78 -19.38
CA GLU B 12 -0.52 -17.05 -20.12
C GLU B 12 -0.47 -18.25 -19.17
N LYS B 13 0.19 -18.08 -18.03
CA LYS B 13 0.28 -19.19 -17.08
C LYS B 13 -1.04 -19.47 -16.38
N VAL B 14 -1.85 -18.44 -16.17
CA VAL B 14 -3.12 -18.66 -15.51
C VAL B 14 -4.23 -18.98 -16.50
N SER B 15 -3.88 -19.03 -17.79
CA SER B 15 -4.86 -19.29 -18.83
C SER B 15 -4.54 -20.53 -19.68
N HIS B 16 -5.50 -20.91 -20.51
CA HIS B 16 -5.28 -21.85 -21.60
C HIS B 16 -5.89 -21.31 -22.90
N GLN B 17 -5.02 -20.99 -23.86
CA GLN B 17 -5.44 -20.48 -25.17
C GLN B 17 -6.27 -19.19 -25.08
N GLY B 18 -5.85 -18.30 -24.18
CA GLY B 18 -6.49 -16.99 -23.98
C GLY B 18 -7.71 -17.04 -23.08
N ILE B 19 -8.04 -18.22 -22.56
CA ILE B 19 -9.23 -18.39 -21.73
C ILE B 19 -8.83 -18.79 -20.31
N ILE B 20 -9.35 -18.03 -19.34
CA ILE B 20 -9.08 -18.28 -17.93
C ILE B 20 -10.17 -19.18 -17.36
N SER B 21 -9.84 -20.47 -17.24
CA SER B 21 -10.74 -21.45 -16.64
C SER B 21 -10.17 -21.75 -15.29
N ALA B 22 -10.47 -20.87 -14.36
CA ALA B 22 -9.80 -20.84 -13.07
C ALA B 22 -10.68 -21.25 -11.94
N LEU B 23 -10.08 -21.94 -10.97
CA LEU B 23 -10.78 -22.50 -9.84
C LEU B 23 -10.61 -21.57 -8.66
N ALA B 24 -11.74 -21.13 -8.08
CA ALA B 24 -11.69 -20.16 -7.01
C ALA B 24 -11.83 -20.84 -5.67
N PHE B 25 -10.82 -20.70 -4.83
CA PHE B 25 -10.88 -21.27 -3.50
C PHE B 25 -10.08 -20.42 -2.53
N ASP B 26 -10.34 -19.12 -2.54
CA ASP B 26 -9.73 -18.23 -1.58
C ASP B 26 -10.68 -17.92 -0.43
N GLN B 27 -11.86 -18.56 -0.45
CA GLN B 27 -12.90 -18.34 0.56
C GLN B 27 -12.38 -18.71 1.94
N ARG B 28 -12.70 -17.86 2.90
CA ARG B 28 -12.25 -18.06 4.28
C ARG B 28 -13.44 -18.04 5.23
N GLY B 29 -14.05 -16.86 5.39
CA GLY B 29 -15.28 -16.71 6.15
C GLY B 29 -16.37 -17.62 5.62
N ALA B 30 -16.67 -17.48 4.33
CA ALA B 30 -17.71 -18.28 3.67
C ALA B 30 -17.53 -19.80 3.87
N LEU B 31 -16.27 -20.27 3.81
CA LEU B 31 -15.97 -21.69 3.98
C LEU B 31 -16.19 -22.14 5.43
N LYS B 32 -15.79 -21.29 6.37
CA LYS B 32 -16.05 -21.53 7.80
C LYS B 32 -17.54 -21.72 8.08
N GLN B 33 -18.37 -20.91 7.42
CA GLN B 33 -19.84 -21.02 7.53
C GLN B 33 -20.35 -22.34 6.96
N MET B 34 -19.90 -22.68 5.77
CA MET B 34 -20.28 -23.93 5.10
C MET B 34 -19.93 -25.15 5.94
N MET B 35 -18.73 -25.14 6.51
CA MET B 35 -18.28 -26.22 7.38
C MET B 35 -19.09 -26.28 8.69
N ALA B 36 -19.39 -25.11 9.25
CA ALA B 36 -20.12 -25.01 10.53
C ALA B 36 -21.51 -25.63 10.49
N ALA B 37 -22.13 -25.61 9.31
CA ALA B 37 -23.46 -26.20 9.12
C ALA B 37 -23.45 -27.73 9.06
N HIS B 38 -22.33 -28.36 9.39
CA HIS B 38 -22.24 -29.82 9.33
C HIS B 38 -21.60 -30.45 10.55
N GLN B 39 -21.14 -29.60 11.48
CA GLN B 39 -20.47 -30.10 12.70
C GLN B 39 -20.75 -29.22 13.92
N GLU B 40 -20.37 -29.73 15.09
CA GLU B 40 -20.57 -29.02 16.34
C GLU B 40 -19.61 -27.85 16.53
N GLY B 41 -18.30 -28.14 16.48
CA GLY B 41 -17.29 -27.12 16.76
C GLY B 41 -17.05 -26.13 15.64
N GLU B 42 -16.18 -25.16 15.90
CA GLU B 42 -15.67 -24.25 14.86
C GLU B 42 -14.76 -25.05 13.92
N ALA B 43 -14.63 -24.59 12.67
CA ALA B 43 -13.69 -25.20 11.73
C ALA B 43 -12.25 -24.94 12.18
N THR B 44 -11.42 -25.98 12.16
CA THR B 44 -10.03 -25.84 12.58
C THR B 44 -9.13 -25.41 11.43
N VAL B 45 -7.92 -24.95 11.76
CA VAL B 45 -6.91 -24.60 10.78
C VAL B 45 -6.57 -25.80 9.87
N THR B 46 -6.47 -26.99 10.47
CA THR B 46 -6.21 -28.24 9.74
C THR B 46 -7.30 -28.51 8.70
N GLN B 47 -8.55 -28.41 9.12
CA GLN B 47 -9.70 -28.68 8.26
C GLN B 47 -9.74 -27.79 7.04
N ILE B 48 -9.60 -26.48 7.26
CA ILE B 48 -9.57 -25.52 6.16
C ILE B 48 -8.38 -25.75 5.22
N GLU B 49 -7.20 -25.97 5.80
CA GLU B 49 -6.00 -26.22 5.02
C GLU B 49 -6.15 -27.49 4.19
N THR B 50 -6.74 -28.53 4.80
CA THR B 50 -6.83 -29.86 4.19
C THR B 50 -7.77 -29.88 2.99
N LEU B 51 -8.99 -29.39 3.16
CA LEU B 51 -9.95 -29.39 2.05
C LEU B 51 -9.41 -28.58 0.86
N LYS B 52 -8.67 -27.50 1.16
CA LYS B 52 -8.03 -26.72 0.10
C LYS B 52 -6.95 -27.54 -0.62
N VAL B 53 -6.18 -28.33 0.14
CA VAL B 53 -5.20 -29.27 -0.44
C VAL B 53 -5.90 -30.27 -1.36
N LEU B 54 -6.96 -30.91 -0.87
CA LEU B 54 -7.72 -31.89 -1.65
C LEU B 54 -8.27 -31.32 -2.96
N VAL B 55 -8.90 -30.16 -2.87
CA VAL B 55 -9.52 -29.52 -4.02
C VAL B 55 -8.42 -29.14 -5.02
N SER B 56 -7.30 -28.64 -4.49
CA SER B 56 -6.15 -28.33 -5.33
C SER B 56 -5.61 -29.59 -6.03
N GLU B 57 -5.38 -30.65 -5.26
CA GLU B 57 -4.79 -31.88 -5.78
C GLU B 57 -5.61 -32.48 -6.89
N GLU B 58 -6.91 -32.56 -6.67
CA GLU B 58 -7.79 -33.35 -7.52
C GLU B 58 -8.43 -32.58 -8.66
N LEU B 59 -8.58 -31.26 -8.53
CA LEU B 59 -9.29 -30.48 -9.56
C LEU B 59 -8.43 -29.55 -10.41
N THR B 60 -7.23 -29.19 -9.95
CA THR B 60 -6.32 -28.36 -10.77
C THR B 60 -5.88 -29.00 -12.09
N PRO B 61 -5.91 -30.35 -12.19
CA PRO B 61 -5.66 -30.90 -13.52
C PRO B 61 -6.71 -30.48 -14.57
N TYR B 62 -7.83 -29.94 -14.12
CA TYR B 62 -8.90 -29.54 -15.03
C TYR B 62 -9.14 -28.02 -15.05
N ALA B 63 -8.18 -27.27 -14.53
CA ALA B 63 -8.28 -25.81 -14.44
C ALA B 63 -7.01 -25.16 -14.97
N SER B 64 -7.13 -24.02 -15.61
CA SER B 64 -5.96 -23.30 -16.13
C SER B 64 -5.19 -22.60 -15.01
N SER B 65 -5.86 -22.34 -13.90
CA SER B 65 -5.23 -21.75 -12.71
C SER B 65 -6.12 -21.94 -11.48
N ILE B 66 -5.55 -21.70 -10.30
CA ILE B 66 -6.30 -21.77 -9.06
C ILE B 66 -6.06 -20.51 -8.25
N LEU B 67 -7.12 -20.00 -7.63
CA LEU B 67 -7.04 -18.84 -6.76
C LEU B 67 -7.06 -19.32 -5.33
N LEU B 68 -6.06 -18.91 -4.55
CA LEU B 68 -5.97 -19.30 -3.14
C LEU B 68 -5.66 -18.11 -2.25
N ASP B 69 -6.03 -18.21 -0.99
CA ASP B 69 -5.70 -17.19 -0.01
C ASP B 69 -4.34 -17.53 0.60
N PRO B 70 -3.56 -16.51 0.98
CA PRO B 70 -2.30 -16.92 1.56
C PRO B 70 -2.37 -17.21 3.05
N GLU B 71 -3.56 -17.06 3.66
CA GLU B 71 -3.70 -17.33 5.09
C GLU B 71 -3.77 -18.85 5.37
N TYR B 72 -4.66 -19.54 4.65
CA TYR B 72 -4.90 -20.99 4.83
C TYR B 72 -4.49 -21.84 3.63
N GLY B 73 -4.38 -21.22 2.46
CA GLY B 73 -4.21 -21.99 1.23
C GLY B 73 -2.79 -22.21 0.76
N LEU B 74 -1.79 -21.93 1.59
CA LEU B 74 -0.40 -22.06 1.17
C LEU B 74 0.04 -23.51 0.95
N LEU B 75 -0.44 -24.42 1.79
CA LEU B 75 -0.19 -25.85 1.56
C LEU B 75 -0.77 -26.27 0.21
N ALA B 76 -1.94 -25.74 -0.11
CA ALA B 76 -2.62 -26.04 -1.36
C ALA B 76 -1.92 -25.49 -2.62
N THR B 77 -1.02 -24.51 -2.45
CA THR B 77 -0.27 -23.97 -3.60
C THR B 77 0.80 -24.95 -4.07
N LYS B 78 1.19 -25.87 -3.18
CA LYS B 78 2.32 -26.77 -3.46
C LYS B 78 1.91 -28.01 -4.22
N VAL B 79 0.61 -28.19 -4.46
CA VAL B 79 0.09 -29.46 -4.95
C VAL B 79 -0.66 -29.36 -6.29
N ARG B 80 -0.38 -28.28 -7.03
CA ARG B 80 -1.01 -28.00 -8.31
C ARG B 80 -0.49 -28.91 -9.42
N ALA B 81 -1.39 -29.29 -10.33
CA ALA B 81 -1.02 -29.95 -11.59
C ALA B 81 -0.12 -29.05 -12.43
N ASN B 82 0.69 -29.65 -13.31
CA ASN B 82 1.73 -28.93 -14.04
C ASN B 82 1.38 -27.59 -14.69
N GLN B 83 0.25 -27.53 -15.39
CA GLN B 83 -0.06 -26.32 -16.15
C GLN B 83 -0.81 -25.27 -15.34
N THR B 84 -1.08 -25.56 -14.07
CA THR B 84 -1.97 -24.73 -13.28
C THR B 84 -1.27 -23.51 -12.67
N GLY B 85 -1.66 -22.33 -13.14
CA GLY B 85 -1.16 -21.08 -12.60
C GLY B 85 -1.71 -20.84 -11.22
N LEU B 86 -1.15 -19.88 -10.50
CA LEU B 86 -1.63 -19.53 -9.18
C LEU B 86 -2.00 -18.03 -9.05
N LEU B 87 -3.17 -17.77 -8.46
CA LEU B 87 -3.58 -16.43 -8.08
C LEU B 87 -3.66 -16.40 -6.57
N LEU B 88 -3.10 -15.37 -5.95
CA LEU B 88 -3.21 -15.21 -4.50
C LEU B 88 -4.02 -13.98 -4.12
N ALA B 89 -4.95 -14.15 -3.19
CA ALA B 89 -5.74 -13.03 -2.68
C ALA B 89 -4.90 -12.15 -1.78
N TYR B 90 -5.15 -10.86 -1.83
CA TYR B 90 -4.35 -9.87 -1.11
C TYR B 90 -5.16 -9.15 -0.02
N GLU B 91 -6.50 -9.17 -0.13
CA GLU B 91 -7.37 -8.48 0.83
C GLU B 91 -7.64 -9.26 2.12
N LYS B 92 -7.86 -8.54 3.22
CA LYS B 92 -8.53 -9.12 4.39
C LYS B 92 -9.95 -9.50 3.99
N THR B 93 -10.38 -10.67 4.42
CA THR B 93 -11.71 -11.18 4.09
C THR B 93 -12.83 -10.42 4.82
N GLY B 94 -14.00 -10.38 4.20
CA GLY B 94 -15.20 -9.84 4.83
C GLY B 94 -15.25 -8.32 4.97
N TYR B 95 -16.25 -7.85 5.70
CA TYR B 95 -16.46 -6.43 5.95
C TYR B 95 -17.28 -6.22 7.22
N ASP B 96 -17.18 -5.02 7.80
CA ASP B 96 -18.02 -4.66 8.93
C ASP B 96 -19.41 -4.31 8.41
N ALA B 97 -20.38 -5.17 8.70
CA ALA B 97 -21.75 -4.98 8.22
C ALA B 97 -22.52 -3.88 8.97
N THR B 98 -21.97 -3.41 10.08
CA THR B 98 -22.60 -2.34 10.86
C THR B 98 -22.41 -0.96 10.22
N THR B 99 -21.30 -0.77 9.53
CA THR B 99 -21.09 0.46 8.79
C THR B 99 -21.24 0.27 7.28
N THR B 100 -21.29 1.39 6.58
CA THR B 100 -21.70 1.46 5.21
C THR B 100 -20.53 1.51 4.22
N SER B 101 -19.33 1.81 4.73
CA SER B 101 -18.17 2.16 3.88
C SER B 101 -17.42 0.97 3.23
N ARG B 102 -17.32 -0.16 3.94
CA ARG B 102 -16.63 -1.38 3.45
C ARG B 102 -15.23 -1.11 2.90
N LEU B 103 -14.42 -0.45 3.71
CA LEU B 103 -13.08 0.00 3.28
C LEU B 103 -12.10 -1.15 3.07
N PRO B 104 -11.31 -1.08 1.98
CA PRO B 104 -10.37 -2.13 1.64
C PRO B 104 -9.19 -2.16 2.60
N ASP B 105 -8.63 -3.35 2.85
CA ASP B 105 -7.50 -3.49 3.76
C ASP B 105 -6.68 -4.71 3.37
N CYS B 106 -5.38 -4.50 3.13
CA CYS B 106 -4.49 -5.60 2.73
C CYS B 106 -4.12 -6.47 3.90
N LEU B 107 -4.00 -7.77 3.67
CA LEU B 107 -3.39 -8.68 4.64
C LEU B 107 -2.06 -8.11 5.16
N VAL B 108 -1.98 -7.95 6.48
CA VAL B 108 -0.89 -7.16 7.11
C VAL B 108 0.48 -7.79 7.01
N GLU B 109 0.54 -9.09 6.71
CA GLU B 109 1.81 -9.80 6.60
C GLU B 109 2.32 -9.91 5.16
N TRP B 110 1.58 -9.32 4.22
CA TRP B 110 1.88 -9.51 2.80
C TRP B 110 2.14 -8.21 2.05
N SER B 111 2.90 -8.35 0.96
CA SER B 111 3.13 -7.30 -0.02
C SER B 111 3.12 -8.08 -1.32
N VAL B 112 2.99 -7.36 -2.44
CA VAL B 112 3.00 -8.02 -3.74
C VAL B 112 4.30 -8.80 -3.92
N LYS B 113 5.41 -8.18 -3.54
CA LYS B 113 6.72 -8.84 -3.51
C LYS B 113 6.71 -10.18 -2.76
N ARG B 114 6.10 -10.23 -1.58
CA ARG B 114 6.00 -11.49 -0.83
C ARG B 114 5.03 -12.48 -1.49
N LEU B 115 3.95 -11.98 -2.09
CA LEU B 115 3.01 -12.85 -2.76
C LEU B 115 3.68 -13.52 -3.98
N LYS B 116 4.42 -12.72 -4.75
CA LYS B 116 5.20 -13.25 -5.88
C LYS B 116 6.20 -14.30 -5.43
N ALA B 117 6.89 -14.04 -4.31
CA ALA B 117 7.87 -14.97 -3.74
C ALA B 117 7.22 -16.28 -3.28
N ALA B 118 5.91 -16.24 -3.01
CA ALA B 118 5.17 -17.43 -2.56
C ALA B 118 4.59 -18.23 -3.73
N GLY B 119 4.92 -17.81 -4.96
CA GLY B 119 4.51 -18.52 -6.17
C GLY B 119 3.40 -17.90 -7.02
N ALA B 120 2.80 -16.80 -6.56
CA ALA B 120 1.72 -16.17 -7.32
C ALA B 120 2.12 -15.83 -8.78
N ASP B 121 1.23 -16.18 -9.72
CA ASP B 121 1.37 -15.73 -11.09
C ASP B 121 0.52 -14.46 -11.34
N ALA B 122 -0.29 -14.10 -10.35
CA ALA B 122 -1.22 -12.98 -10.45
C ALA B 122 -1.65 -12.58 -9.06
N ILE B 123 -1.89 -11.29 -8.87
CA ILE B 123 -2.34 -10.77 -7.60
C ILE B 123 -3.83 -10.48 -7.75
N LYS B 124 -4.61 -10.93 -6.76
CA LYS B 124 -6.02 -10.63 -6.76
C LYS B 124 -6.38 -9.81 -5.53
N PHE B 125 -7.21 -8.79 -5.75
CA PHE B 125 -7.71 -7.99 -4.65
C PHE B 125 -9.20 -7.71 -4.79
N LEU B 126 -9.95 -8.04 -3.73
CA LEU B 126 -11.39 -7.79 -3.72
C LEU B 126 -11.73 -6.44 -3.11
N LEU B 127 -12.46 -5.63 -3.87
CA LEU B 127 -12.93 -4.34 -3.42
C LEU B 127 -14.46 -4.31 -3.48
N TYR B 128 -15.10 -3.98 -2.36
CA TYR B 128 -16.53 -3.67 -2.37
C TYR B 128 -16.72 -2.22 -2.81
N TYR B 129 -17.54 -2.00 -3.84
CA TYR B 129 -17.70 -0.65 -4.37
C TYR B 129 -19.15 -0.29 -4.66
N ASP B 130 -19.60 0.82 -4.09
CA ASP B 130 -20.89 1.42 -4.42
C ASP B 130 -20.65 2.70 -5.19
N VAL B 131 -20.95 2.67 -6.48
CA VAL B 131 -20.67 3.81 -7.36
C VAL B 131 -21.45 5.08 -6.99
N ASP B 132 -22.55 4.91 -6.25
CA ASP B 132 -23.41 6.01 -5.83
C ASP B 132 -23.15 6.39 -4.38
N GLY B 133 -22.15 5.75 -3.76
CA GLY B 133 -21.85 5.96 -2.34
C GLY B 133 -21.09 7.24 -2.03
N ASP B 134 -20.74 7.41 -0.76
CA ASP B 134 -20.00 8.57 -0.25
C ASP B 134 -18.73 8.82 -1.08
N GLU B 135 -18.58 10.03 -1.58
CA GLU B 135 -17.45 10.38 -2.46
C GLU B 135 -16.08 10.33 -1.79
N GLN B 136 -16.01 10.69 -0.52
CA GLN B 136 -14.73 10.68 0.19
C GLN B 136 -14.31 9.24 0.50
N ILE B 137 -15.27 8.37 0.73
CA ILE B 137 -15.04 6.94 0.89
C ILE B 137 -14.53 6.36 -0.44
N ASN B 138 -15.13 6.78 -1.55
CA ASN B 138 -14.70 6.32 -2.86
C ASN B 138 -13.33 6.88 -3.30
N LEU B 139 -13.01 8.11 -2.90
CA LEU B 139 -11.65 8.64 -3.07
C LEU B 139 -10.65 7.77 -2.30
N GLN B 140 -11.02 7.43 -1.07
CA GLN B 140 -10.23 6.55 -0.22
C GLN B 140 -9.98 5.20 -0.93
N LYS B 141 -11.02 4.65 -1.55
CA LYS B 141 -10.92 3.36 -2.22
C LYS B 141 -10.09 3.42 -3.49
N GLN B 142 -10.21 4.51 -4.21
CA GLN B 142 -9.44 4.70 -5.42
C GLN B 142 -7.95 4.86 -5.14
N ALA B 143 -7.60 5.64 -4.12
CA ALA B 143 -6.21 5.77 -3.70
C ALA B 143 -5.64 4.40 -3.34
N TYR B 144 -6.43 3.59 -2.64
CA TYR B 144 -5.98 2.28 -2.20
C TYR B 144 -5.66 1.37 -3.41
N ILE B 145 -6.56 1.31 -4.37
CA ILE B 145 -6.34 0.52 -5.57
C ILE B 145 -5.10 1.01 -6.34
N GLU B 146 -4.92 2.33 -6.41
CA GLU B 146 -3.74 2.90 -7.05
C GLU B 146 -2.46 2.34 -6.45
N ARG B 147 -2.39 2.27 -5.12
CA ARG B 147 -1.22 1.75 -4.41
C ARG B 147 -0.92 0.31 -4.84
N ILE B 148 -1.96 -0.52 -4.86
CA ILE B 148 -1.83 -1.92 -5.25
C ILE B 148 -1.47 -2.07 -6.72
N GLY B 149 -2.16 -1.31 -7.58
CA GLY B 149 -1.78 -1.24 -9.00
C GLY B 149 -0.32 -0.92 -9.23
N SER B 150 0.21 0.06 -8.48
CA SER B 150 1.62 0.43 -8.54
C SER B 150 2.53 -0.70 -8.06
N GLU B 151 2.19 -1.35 -6.94
CA GLU B 151 2.93 -2.53 -6.52
C GLU B 151 3.03 -3.56 -7.67
N CYS B 152 1.89 -3.81 -8.33
CA CYS B 152 1.84 -4.81 -9.41
C CYS B 152 2.55 -4.33 -10.67
N THR B 153 2.59 -3.02 -10.88
CA THR B 153 3.40 -2.44 -11.94
C THR B 153 4.91 -2.62 -11.64
N ALA B 154 5.33 -2.35 -10.41
CA ALA B 154 6.73 -2.48 -10.04
C ALA B 154 7.22 -3.94 -10.10
N GLU B 155 6.43 -4.85 -9.55
CA GLU B 155 6.81 -6.26 -9.55
C GLU B 155 6.47 -6.94 -10.89
N ASP B 156 5.87 -6.17 -11.79
CA ASP B 156 5.58 -6.60 -13.16
C ASP B 156 4.75 -7.89 -13.22
N ILE B 157 3.66 -7.90 -12.47
CA ILE B 157 2.83 -9.07 -12.30
C ILE B 157 1.36 -8.67 -12.51
N PRO B 158 0.55 -9.54 -13.17
CA PRO B 158 -0.86 -9.20 -13.41
C PRO B 158 -1.67 -8.87 -12.15
N PHE B 159 -2.41 -7.77 -12.24
CA PHE B 159 -3.32 -7.34 -11.19
C PHE B 159 -4.75 -7.67 -11.61
N PHE B 160 -5.38 -8.58 -10.87
CA PHE B 160 -6.79 -8.93 -11.04
C PHE B 160 -7.56 -8.19 -9.95
N LEU B 161 -8.39 -7.24 -10.34
CA LEU B 161 -9.22 -6.54 -9.36
C LEU B 161 -10.61 -7.16 -9.36
N GLU B 162 -11.01 -7.69 -8.21
CA GLU B 162 -12.34 -8.23 -8.04
C GLU B 162 -13.27 -7.15 -7.51
N LEU B 163 -14.35 -6.90 -8.24
CA LEU B 163 -15.33 -5.89 -7.85
C LEU B 163 -16.63 -6.52 -7.40
N LEU B 164 -16.98 -6.31 -6.14
CA LEU B 164 -18.29 -6.71 -5.63
C LEU B 164 -19.12 -5.45 -5.42
N SER B 165 -20.18 -5.32 -6.21
CA SER B 165 -21.06 -4.17 -6.14
C SER B 165 -21.89 -4.24 -4.88
N TYR B 166 -22.29 -3.08 -4.36
CA TYR B 166 -23.26 -3.02 -3.28
C TYR B 166 -23.94 -1.66 -3.22
N ASP B 167 -24.96 -1.55 -2.38
CA ASP B 167 -25.58 -0.27 -2.10
C ASP B 167 -25.47 -0.02 -0.62
N GLU B 168 -25.09 1.21 -0.25
CA GLU B 168 -24.98 1.63 1.14
C GLU B 168 -26.28 1.43 1.95
N ARG B 169 -27.43 1.62 1.31
CA ARG B 169 -28.72 1.58 2.01
C ARG B 169 -29.35 0.18 2.02
N ILE B 170 -28.93 -0.68 1.11
CA ILE B 170 -29.48 -2.04 0.98
C ILE B 170 -28.58 -3.12 1.60
N SER B 171 -29.03 -3.69 2.72
CA SER B 171 -28.37 -4.83 3.35
C SER B 171 -28.20 -6.03 2.40
N ASP B 172 -29.27 -6.38 1.70
CA ASP B 172 -29.35 -7.67 1.01
C ASP B 172 -29.19 -7.58 -0.50
N ASN B 173 -28.06 -8.08 -1.00
CA ASN B 173 -27.77 -8.12 -2.43
C ASN B 173 -28.70 -9.02 -3.24
N ASN B 174 -29.43 -9.90 -2.58
CA ASN B 174 -30.31 -10.85 -3.24
C ASN B 174 -31.75 -10.36 -3.43
N SER B 175 -32.06 -9.23 -2.81
CA SER B 175 -33.41 -8.66 -2.85
C SER B 175 -33.80 -8.15 -4.24
N ALA B 176 -35.09 -8.01 -4.46
CA ALA B 176 -35.59 -7.48 -5.73
C ALA B 176 -35.20 -6.02 -5.90
N ALA B 177 -35.18 -5.29 -4.79
CA ALA B 177 -34.83 -3.88 -4.81
C ALA B 177 -33.40 -3.70 -5.32
N TYR B 178 -32.50 -4.60 -4.89
CA TYR B 178 -31.13 -4.56 -5.36
C TYR B 178 -31.00 -4.96 -6.83
N ALA B 179 -31.76 -5.97 -7.24
CA ALA B 179 -31.69 -6.49 -8.60
C ALA B 179 -31.90 -5.39 -9.65
N LYS B 180 -32.85 -4.50 -9.40
CA LYS B 180 -33.11 -3.38 -10.32
C LYS B 180 -31.91 -2.44 -10.45
N LEU B 181 -31.10 -2.35 -9.40
CA LEU B 181 -29.94 -1.44 -9.33
C LEU B 181 -28.64 -2.09 -9.82
N LYS B 182 -28.61 -3.42 -9.84
CA LYS B 182 -27.38 -4.18 -10.10
C LYS B 182 -26.64 -3.77 -11.37
N PRO B 183 -27.33 -3.72 -12.54
CA PRO B 183 -26.59 -3.37 -13.75
C PRO B 183 -25.83 -2.05 -13.61
N HIS B 184 -26.49 -1.03 -13.08
CA HIS B 184 -25.85 0.27 -12.82
C HIS B 184 -24.63 0.17 -11.88
N LYS B 185 -24.76 -0.57 -10.78
CA LYS B 185 -23.67 -0.70 -9.80
C LYS B 185 -22.45 -1.46 -10.36
N VAL B 186 -22.72 -2.56 -11.06
CA VAL B 186 -21.66 -3.40 -11.60
C VAL B 186 -20.93 -2.68 -12.74
N ASN B 187 -21.70 -2.14 -13.68
CA ASN B 187 -21.10 -1.50 -14.85
C ASN B 187 -20.42 -0.19 -14.52
N GLY B 188 -21.03 0.60 -13.64
CA GLY B 188 -20.43 1.84 -13.16
C GLY B 188 -19.09 1.64 -12.46
N ALA B 189 -19.01 0.57 -11.65
CA ALA B 189 -17.75 0.22 -10.97
C ALA B 189 -16.67 -0.21 -11.96
N MET B 190 -17.02 -1.09 -12.89
CA MET B 190 -16.09 -1.51 -13.93
C MET B 190 -15.53 -0.31 -14.66
N SER B 191 -16.42 0.62 -15.00
CA SER B 191 -16.05 1.81 -15.74
C SER B 191 -15.06 2.72 -14.97
N VAL B 192 -15.27 2.88 -13.67
CA VAL B 192 -14.37 3.66 -12.83
C VAL B 192 -12.97 3.04 -12.81
N PHE B 193 -12.89 1.73 -12.61
CA PHE B 193 -11.59 1.08 -12.43
C PHE B 193 -10.93 0.61 -13.73
N SER B 194 -11.40 1.15 -14.84
CA SER B 194 -10.81 0.89 -16.14
C SER B 194 -9.75 1.93 -16.48
N ASP B 195 -9.71 3.01 -15.70
CA ASP B 195 -8.74 4.06 -15.90
C ASP B 195 -7.32 3.52 -15.69
N LYS B 196 -6.42 3.95 -16.58
CA LYS B 196 -5.02 3.53 -16.56
C LYS B 196 -4.38 3.68 -15.17
N ARG B 197 -4.79 4.70 -14.43
CA ARG B 197 -4.23 4.99 -13.11
C ARG B 197 -4.26 3.80 -12.13
N PHE B 198 -5.23 2.90 -12.29
CA PHE B 198 -5.39 1.78 -11.34
C PHE B 198 -4.54 0.55 -11.65
N GLY B 199 -3.93 0.49 -12.84
CA GLY B 199 -3.03 -0.60 -13.20
C GLY B 199 -3.66 -1.98 -13.28
N VAL B 200 -4.98 -2.04 -13.48
CA VAL B 200 -5.68 -3.30 -13.55
C VAL B 200 -5.41 -3.98 -14.89
N ASP B 201 -5.11 -5.28 -14.84
CA ASP B 201 -4.91 -6.07 -16.05
C ASP B 201 -6.17 -6.87 -16.42
N VAL B 202 -6.83 -7.46 -15.42
CA VAL B 202 -8.07 -8.21 -15.66
C VAL B 202 -9.05 -7.89 -14.55
N LEU B 203 -10.30 -7.64 -14.92
CA LEU B 203 -11.37 -7.43 -13.95
C LEU B 203 -12.08 -8.75 -13.65
N LYS B 204 -12.35 -8.98 -12.38
CA LYS B 204 -13.14 -10.11 -11.95
C LYS B 204 -14.44 -9.54 -11.40
N VAL B 205 -15.54 -9.82 -12.10
CA VAL B 205 -16.80 -9.12 -11.85
C VAL B 205 -18.00 -10.04 -11.78
N GLU B 206 -19.09 -9.52 -11.22
CA GLU B 206 -20.37 -10.19 -11.23
C GLU B 206 -21.02 -10.02 -12.58
N VAL B 207 -21.94 -10.93 -12.92
CA VAL B 207 -22.84 -10.73 -14.05
C VAL B 207 -23.72 -9.54 -13.68
N PRO B 208 -24.14 -8.73 -14.66
CA PRO B 208 -24.72 -7.44 -14.28
C PRO B 208 -26.15 -7.55 -13.75
N VAL B 209 -26.77 -8.70 -13.93
CA VAL B 209 -28.13 -8.93 -13.43
C VAL B 209 -28.15 -10.03 -12.38
N ASN B 210 -29.22 -10.07 -11.60
CA ASN B 210 -29.48 -11.23 -10.75
C ASN B 210 -30.38 -12.17 -11.52
N MET B 211 -29.82 -13.27 -11.99
CA MET B 211 -30.54 -14.20 -12.86
C MET B 211 -31.85 -14.72 -12.24
N ALA B 212 -31.92 -14.75 -10.92
CA ALA B 212 -33.13 -15.19 -10.23
C ALA B 212 -34.34 -14.31 -10.51
N TYR B 213 -34.13 -13.14 -11.12
CA TYR B 213 -35.24 -12.24 -11.46
C TYR B 213 -35.28 -11.92 -12.95
N VAL B 214 -34.75 -12.84 -13.76
CA VAL B 214 -34.75 -12.70 -15.21
C VAL B 214 -35.74 -13.70 -15.81
N GLU B 215 -36.53 -13.22 -16.77
CA GLU B 215 -37.42 -14.07 -17.54
C GLU B 215 -36.71 -15.32 -18.01
N GLY B 216 -37.31 -16.48 -17.73
CA GLY B 216 -36.80 -17.76 -18.18
C GLY B 216 -35.94 -18.48 -17.15
N PHE B 217 -35.77 -17.83 -16.00
CA PHE B 217 -34.88 -18.32 -14.95
C PHE B 217 -35.57 -18.29 -13.59
N THR B 218 -36.86 -17.97 -13.59
CA THR B 218 -37.60 -17.87 -12.35
C THR B 218 -39.06 -18.29 -12.44
N GLU B 219 -39.58 -18.74 -11.31
CA GLU B 219 -40.95 -19.18 -11.14
C GLU B 219 -41.77 -18.02 -10.55
N GLY B 220 -41.07 -16.98 -10.10
CA GLY B 220 -41.68 -15.85 -9.42
C GLY B 220 -41.56 -14.51 -10.13
N GLU B 221 -41.32 -13.46 -9.35
CA GLU B 221 -41.25 -12.09 -9.81
C GLU B 221 -40.21 -11.90 -10.92
N VAL B 222 -40.61 -11.26 -12.02
CA VAL B 222 -39.70 -11.02 -13.16
C VAL B 222 -39.37 -9.53 -13.27
N HIS B 223 -38.14 -9.17 -12.96
CA HIS B 223 -37.74 -7.77 -13.01
C HIS B 223 -37.00 -7.35 -14.27
N TYR B 224 -36.55 -8.32 -15.06
CA TYR B 224 -36.07 -8.00 -16.39
C TYR B 224 -36.56 -9.01 -17.40
N SER B 225 -37.02 -8.50 -18.53
CA SER B 225 -37.27 -9.34 -19.70
C SER B 225 -35.93 -9.88 -20.21
N GLN B 226 -35.98 -10.90 -21.06
CA GLN B 226 -34.76 -11.40 -21.67
C GLN B 226 -34.03 -10.26 -22.40
N ALA B 227 -34.78 -9.45 -23.15
CA ALA B 227 -34.20 -8.31 -23.87
C ALA B 227 -33.54 -7.31 -22.94
N GLU B 228 -34.15 -7.07 -21.78
CA GLU B 228 -33.58 -6.14 -20.80
C GLU B 228 -32.29 -6.68 -20.17
N ALA B 229 -32.26 -7.99 -19.95
CA ALA B 229 -31.06 -8.64 -19.42
C ALA B 229 -29.93 -8.64 -20.45
N ILE B 230 -30.28 -8.89 -21.72
CA ILE B 230 -29.34 -8.80 -22.83
C ILE B 230 -28.70 -7.40 -22.86
N LYS B 231 -29.54 -6.38 -22.78
CA LYS B 231 -29.08 -4.99 -22.74
C LYS B 231 -28.11 -4.75 -21.57
N ALA B 232 -28.36 -5.35 -20.42
CA ALA B 232 -27.49 -5.17 -19.27
C ALA B 232 -26.10 -5.80 -19.46
N PHE B 233 -26.03 -6.91 -20.21
CA PHE B 233 -24.76 -7.55 -20.57
C PHE B 233 -23.99 -6.75 -21.62
N GLN B 234 -24.71 -6.23 -22.60
CA GLN B 234 -24.13 -5.34 -23.62
C GLN B 234 -23.57 -4.07 -22.99
N ASP B 235 -24.26 -3.55 -21.98
CA ASP B 235 -23.77 -2.42 -21.20
C ASP B 235 -22.49 -2.77 -20.44
N GLN B 236 -22.43 -4.01 -19.94
CA GLN B 236 -21.24 -4.47 -19.26
C GLN B 236 -20.07 -4.54 -20.22
N GLU B 237 -20.32 -5.07 -21.41
CA GLU B 237 -19.34 -5.17 -22.48
C GLU B 237 -18.80 -3.81 -22.89
N ALA B 238 -19.65 -2.79 -22.91
CA ALA B 238 -19.24 -1.42 -23.25
C ALA B 238 -18.62 -0.66 -22.08
N ALA B 239 -18.79 -1.17 -20.86
CA ALA B 239 -18.38 -0.45 -19.65
C ALA B 239 -16.86 -0.32 -19.47
N SER B 240 -16.12 -1.20 -20.14
CA SER B 240 -14.68 -1.26 -20.04
C SER B 240 -14.06 -1.75 -21.35
N HIS B 241 -12.75 -1.57 -21.49
CA HIS B 241 -11.97 -2.11 -22.61
C HIS B 241 -11.09 -3.27 -22.13
N LEU B 242 -10.97 -3.38 -20.81
CA LEU B 242 -10.17 -4.42 -20.16
C LEU B 242 -10.83 -5.79 -20.28
N PRO B 243 -10.01 -6.87 -20.31
CA PRO B 243 -10.58 -8.22 -20.22
C PRO B 243 -11.26 -8.42 -18.87
N TYR B 244 -12.33 -9.19 -18.83
CA TYR B 244 -12.99 -9.48 -17.58
C TYR B 244 -13.42 -10.92 -17.52
N ILE B 245 -13.44 -11.47 -16.30
CA ILE B 245 -13.88 -12.82 -16.05
C ILE B 245 -15.01 -12.77 -15.04
N TYR B 246 -15.90 -13.76 -15.08
CA TYR B 246 -17.05 -13.77 -14.18
C TYR B 246 -16.78 -14.58 -12.94
N LEU B 247 -17.18 -14.03 -11.79
CA LEU B 247 -17.23 -14.79 -10.57
C LEU B 247 -18.60 -15.45 -10.47
N SER B 248 -18.67 -16.63 -9.86
CA SER B 248 -19.92 -17.40 -9.82
C SER B 248 -20.81 -17.06 -8.65
N ALA B 249 -20.27 -16.33 -7.67
CA ALA B 249 -20.98 -16.05 -6.42
C ALA B 249 -21.47 -17.36 -5.80
N GLY B 250 -22.74 -17.43 -5.42
CA GLY B 250 -23.24 -18.61 -4.73
C GLY B 250 -24.07 -19.57 -5.56
N VAL B 251 -24.15 -19.33 -6.86
CA VAL B 251 -25.08 -20.05 -7.73
C VAL B 251 -24.57 -21.47 -8.03
N SER B 252 -25.49 -22.34 -8.42
CA SER B 252 -25.19 -23.73 -8.71
C SER B 252 -24.43 -23.88 -10.02
N ALA B 253 -23.78 -25.03 -10.20
CA ALA B 253 -23.09 -25.33 -11.46
C ALA B 253 -23.97 -25.11 -12.67
N LYS B 254 -25.25 -25.50 -12.57
CA LYS B 254 -26.17 -25.42 -13.71
C LYS B 254 -26.57 -23.98 -14.01
N LEU B 255 -26.98 -23.24 -12.99
CA LEU B 255 -27.36 -21.84 -13.20
C LEU B 255 -26.21 -21.02 -13.80
N PHE B 256 -25.00 -21.19 -13.26
CA PHE B 256 -23.81 -20.52 -13.79
C PHE B 256 -23.58 -20.85 -15.26
N GLN B 257 -23.60 -22.14 -15.58
CA GLN B 257 -23.49 -22.59 -16.96
C GLN B 257 -24.50 -21.91 -17.89
N GLU B 258 -25.76 -21.87 -17.47
CA GLU B 258 -26.83 -21.23 -18.25
C GLU B 258 -26.59 -19.73 -18.38
N THR B 259 -26.06 -19.14 -17.31
CA THR B 259 -25.69 -17.73 -17.30
C THR B 259 -24.64 -17.40 -18.35
N LEU B 260 -23.62 -18.26 -18.45
CA LEU B 260 -22.55 -18.08 -19.44
C LEU B 260 -23.09 -18.18 -20.87
N TYR B 261 -24.00 -19.11 -21.13
CA TYR B 261 -24.63 -19.22 -22.45
C TYR B 261 -25.40 -17.96 -22.76
N PHE B 262 -26.20 -17.50 -21.80
CA PHE B 262 -26.93 -16.27 -21.95
C PHE B 262 -25.99 -15.08 -22.20
N ALA B 263 -24.92 -14.98 -21.39
CA ALA B 263 -23.95 -13.89 -21.51
C ALA B 263 -23.37 -13.82 -22.91
N ALA B 264 -22.88 -14.96 -23.39
CA ALA B 264 -22.32 -15.05 -24.73
C ALA B 264 -23.33 -14.73 -25.84
N ALA B 265 -24.58 -15.18 -25.65
CA ALA B 265 -25.63 -14.90 -26.64
C ALA B 265 -25.95 -13.41 -26.68
N ALA B 266 -25.85 -12.76 -25.52
CA ALA B 266 -26.08 -11.32 -25.40
C ALA B 266 -24.98 -10.48 -26.06
N GLY B 267 -23.82 -11.08 -26.28
CA GLY B 267 -22.70 -10.37 -26.90
C GLY B 267 -21.61 -9.96 -25.93
N ALA B 268 -21.70 -10.44 -24.68
CA ALA B 268 -20.65 -10.25 -23.69
C ALA B 268 -19.40 -11.04 -24.07
N GLN B 269 -18.24 -10.39 -23.97
CA GLN B 269 -16.99 -10.99 -24.39
C GLN B 269 -16.08 -11.15 -23.18
N PHE B 270 -16.41 -12.14 -22.35
CA PHE B 270 -15.68 -12.45 -21.12
C PHE B 270 -14.60 -13.48 -21.44
N SER B 271 -13.45 -13.33 -20.80
CA SER B 271 -12.27 -14.16 -21.08
C SER B 271 -12.14 -15.37 -20.19
N GLY B 272 -13.17 -15.62 -19.39
CA GLY B 272 -13.13 -16.75 -18.50
C GLY B 272 -13.95 -16.54 -17.25
N VAL B 273 -13.70 -17.38 -16.25
CA VAL B 273 -14.45 -17.35 -15.03
C VAL B 273 -13.49 -17.68 -13.89
N LEU B 274 -13.87 -17.25 -12.70
CA LEU B 274 -13.22 -17.68 -11.49
C LEU B 274 -14.34 -18.34 -10.71
N CYS B 275 -14.50 -19.64 -10.93
CA CYS B 275 -15.63 -20.40 -10.43
C CYS B 275 -15.28 -21.21 -9.19
N GLY B 276 -16.02 -21.00 -8.11
CA GLY B 276 -15.71 -21.62 -6.83
C GLY B 276 -16.76 -22.56 -6.29
N ARG B 277 -17.67 -22.02 -5.48
CA ARG B 277 -18.72 -22.79 -4.80
C ARG B 277 -19.46 -23.78 -5.71
N ALA B 278 -19.79 -23.35 -6.93
CA ALA B 278 -20.49 -24.19 -7.91
C ALA B 278 -19.81 -25.54 -8.13
N THR B 279 -18.47 -25.52 -8.15
CA THR B 279 -17.67 -26.70 -8.42
C THR B 279 -17.46 -27.57 -7.18
N TRP B 280 -17.06 -26.96 -6.06
CA TRP B 280 -16.59 -27.74 -4.88
C TRP B 280 -17.49 -27.75 -3.65
N ALA B 281 -18.58 -26.98 -3.67
CA ALA B 281 -19.50 -26.89 -2.52
C ALA B 281 -19.88 -28.25 -1.96
N GLY B 282 -20.18 -29.21 -2.84
CA GLY B 282 -20.61 -30.53 -2.45
C GLY B 282 -19.59 -31.38 -1.70
N SER B 283 -18.31 -31.02 -1.81
CA SER B 283 -17.26 -31.72 -1.06
C SER B 283 -17.24 -31.37 0.44
N VAL B 284 -17.82 -30.23 0.80
CA VAL B 284 -17.79 -29.75 2.19
C VAL B 284 -18.56 -30.67 3.14
N PRO B 285 -19.86 -30.95 2.83
CA PRO B 285 -20.57 -31.97 3.62
C PRO B 285 -19.82 -33.30 3.69
N VAL B 286 -19.36 -33.80 2.55
CA VAL B 286 -18.66 -35.10 2.48
C VAL B 286 -17.40 -35.12 3.34
N TYR B 287 -16.55 -34.10 3.21
CA TYR B 287 -15.29 -34.04 3.96
C TYR B 287 -15.51 -34.00 5.47
N ILE B 288 -16.43 -33.12 5.89
CA ILE B 288 -16.70 -32.90 7.32
C ILE B 288 -17.35 -34.13 7.97
N THR B 289 -18.37 -34.70 7.32
CA THR B 289 -19.09 -35.83 7.90
C THR B 289 -18.42 -37.18 7.63
N LYS B 290 -17.95 -37.40 6.40
CA LYS B 290 -17.50 -38.73 5.96
C LYS B 290 -15.98 -38.89 5.87
N GLY B 291 -15.25 -37.80 6.11
CA GLY B 291 -13.78 -37.84 6.15
C GLY B 291 -13.05 -37.51 4.86
N GLU B 292 -11.72 -37.60 4.94
CA GLU B 292 -10.80 -37.17 3.89
C GLU B 292 -10.86 -38.02 2.61
N ASP B 293 -10.86 -39.35 2.77
CA ASP B 293 -10.83 -40.27 1.64
C ASP B 293 -12.08 -40.17 0.78
N GLU B 294 -13.24 -39.98 1.43
CA GLU B 294 -14.52 -39.91 0.71
C GLU B 294 -14.69 -38.60 -0.03
N ALA B 295 -14.14 -37.53 0.52
CA ALA B 295 -14.09 -36.23 -0.16
C ALA B 295 -13.29 -36.31 -1.45
N ARG B 296 -12.16 -37.03 -1.40
CA ARG B 296 -11.34 -37.27 -2.58
C ARG B 296 -12.15 -37.97 -3.67
N LYS B 297 -12.91 -38.99 -3.30
CA LYS B 297 -13.77 -39.72 -4.26
C LYS B 297 -14.80 -38.80 -4.88
N TRP B 298 -15.43 -37.97 -4.06
CA TRP B 298 -16.43 -37.01 -4.53
C TRP B 298 -15.83 -36.05 -5.55
N LEU B 299 -14.63 -35.54 -5.26
CA LEU B 299 -13.95 -34.62 -6.16
C LEU B 299 -13.64 -35.25 -7.51
N CYS B 300 -13.27 -36.53 -7.51
CA CYS B 300 -12.88 -37.24 -8.73
C CYS B 300 -14.05 -37.72 -9.56
N THR B 301 -15.25 -37.56 -9.03
CA THR B 301 -16.45 -37.98 -9.72
C THR B 301 -17.39 -36.78 -9.90
N GLU B 302 -18.11 -36.41 -8.85
CA GLU B 302 -19.04 -35.28 -8.89
C GLU B 302 -18.31 -33.95 -9.13
N GLY B 303 -17.23 -33.72 -8.38
CA GLY B 303 -16.44 -32.50 -8.53
C GLY B 303 -15.89 -32.34 -9.93
N PHE B 304 -15.39 -33.44 -10.50
CA PHE B 304 -14.91 -33.44 -11.88
C PHE B 304 -16.03 -33.13 -12.85
N GLN B 305 -17.20 -33.76 -12.63
CA GLN B 305 -18.36 -33.52 -13.48
C GLN B 305 -18.69 -32.05 -13.56
N ASN B 306 -18.79 -31.40 -12.40
CA ASN B 306 -19.05 -29.96 -12.32
C ASN B 306 -18.04 -29.14 -13.13
N ILE B 307 -16.74 -29.43 -12.94
CA ILE B 307 -15.70 -28.63 -13.58
C ILE B 307 -15.59 -28.93 -15.08
N ASP B 308 -15.85 -30.18 -15.44
CA ASP B 308 -15.75 -30.59 -16.83
C ASP B 308 -16.90 -30.03 -17.68
N GLU B 309 -18.11 -30.09 -17.15
CA GLU B 309 -19.26 -29.42 -17.76
C GLU B 309 -18.93 -27.93 -17.97
N LEU B 310 -18.47 -27.27 -16.90
CA LEU B 310 -18.05 -25.87 -16.96
C LEU B 310 -17.03 -25.56 -18.05
N ASN B 311 -16.00 -26.39 -18.16
CA ASN B 311 -15.01 -26.22 -19.24
C ASN B 311 -15.61 -26.35 -20.64
N ARG B 312 -16.53 -27.30 -20.81
CA ARG B 312 -17.24 -27.47 -22.08
C ARG B 312 -17.96 -26.18 -22.47
N VAL B 313 -18.72 -25.62 -21.53
CA VAL B 313 -19.43 -24.37 -21.73
C VAL B 313 -18.47 -23.21 -22.04
N LEU B 314 -17.38 -23.10 -21.28
CA LEU B 314 -16.36 -22.08 -21.51
C LEU B 314 -15.80 -22.10 -22.92
N GLU B 315 -15.49 -23.31 -23.39
CA GLU B 315 -14.96 -23.55 -24.73
C GLU B 315 -15.92 -23.02 -25.80
N GLU B 316 -17.22 -23.08 -25.54
CA GLU B 316 -18.24 -22.57 -26.47
C GLU B 316 -18.51 -21.08 -26.32
N THR B 317 -18.35 -20.55 -25.11
CA THR B 317 -18.86 -19.20 -24.80
C THR B 317 -17.82 -18.09 -24.66
N ALA B 318 -16.67 -18.41 -24.08
CA ALA B 318 -15.65 -17.40 -23.73
C ALA B 318 -14.92 -16.80 -24.92
N SER B 319 -14.49 -15.55 -24.78
CA SER B 319 -13.70 -14.87 -25.80
C SER B 319 -12.28 -14.68 -25.28
N PRO B 320 -11.29 -15.17 -26.02
CA PRO B 320 -9.90 -15.10 -25.56
C PRO B 320 -9.51 -13.68 -25.23
N TRP B 321 -8.71 -13.48 -24.16
CA TRP B 321 -8.22 -12.14 -23.83
C TRP B 321 -7.22 -11.61 -24.85
N THR B 322 -6.67 -12.50 -25.68
CA THR B 322 -5.78 -12.10 -26.77
C THR B 322 -6.48 -11.20 -27.80
N GLU B 323 -7.81 -11.20 -27.79
CA GLU B 323 -8.60 -10.33 -28.64
C GLU B 323 -8.65 -8.89 -28.10
N LYS B 324 -8.45 -8.73 -26.80
CA LYS B 324 -8.65 -7.46 -26.13
C LYS B 324 -7.37 -6.75 -25.66
N ILE B 325 -6.39 -7.51 -25.18
CA ILE B 325 -5.17 -6.93 -24.58
C ILE B 325 -4.33 -6.05 -25.51
N LEU B 326 -3.94 -4.91 -24.98
CA LEU B 326 -3.10 -3.95 -25.67
C LEU B 326 -1.61 -4.18 -25.32
N GLU B 327 -0.78 -4.44 -26.32
CA GLU B 327 0.68 -4.54 -26.09
C GLU B 327 1.34 -3.23 -25.67
N HIS B 328 2.29 -3.32 -24.74
CA HIS B 328 3.32 -2.30 -24.59
C HIS B 328 4.54 -2.82 -25.35
N HIS B 329 5.09 -2.00 -26.25
CA HIS B 329 6.14 -2.48 -27.14
C HIS B 329 7.55 -2.19 -26.61
#